data_2XWX
#
_entry.id   2XWX
#
_cell.length_a   55.955
_cell.length_b   120.182
_cell.length_c   67.177
_cell.angle_alpha   90.00
_cell.angle_beta   108.41
_cell.angle_gamma   90.00
#
_symmetry.space_group_name_H-M   'P 1 21 1'
#
loop_
_entity.id
_entity.type
_entity.pdbx_description
1 polymer 'GLCNAC-BINDING PROTEIN A'
2 water water
#
_entity_poly.entity_id   1
_entity_poly.type   'polypeptide(L)'
_entity_poly.pdbx_seq_one_letter_code
;HGYVSAVENGVAEGRVTLCKFAANGTGEKNTHCGAIQYEPQSVEGPDGFPVTGPRDGKIASAESALAAALDEQTADRWVK
RPIQAGPQTFEWTFTANHVTKDWKYYITKPNWNPNQPLSRDAFDLNPFCVVEGNMVQPPKRVSHECIVPEREGYQVILAV
WDVGDTAASFYNVIDVKFDGNGPVLPDWNPAGQIIPSMDLSIGDTVYTRVFDNDGENPAYRTELKIDSETLTKANQWSYA
LATKINQTQKQQRAGQLNGDQFVPVYGTNPIYLKEGSGLKSVEIGYQIEAPQPEYSLTVSGLAKEYEIGEQPIQLDLTLE
AQGEMSAELTVYNHHQKPLASWSQAMTDGELKSITLELSEAKAGHHMLVSRIKDRDGNLQDQQTLDFMLVE
;
_entity_poly.pdbx_strand_id   A,B
#
# COMPACT_ATOMS: atom_id res chain seq x y z
N HIS A 1 -3.77 -19.00 10.20
CA HIS A 1 -3.38 -17.78 9.51
C HIS A 1 -1.95 -17.41 9.86
N GLY A 2 -1.16 -17.02 8.85
CA GLY A 2 0.24 -16.72 9.07
C GLY A 2 1.01 -16.59 7.78
N TYR A 3 2.32 -16.39 7.90
CA TYR A 3 3.14 -15.98 6.76
C TYR A 3 4.61 -16.26 7.04
N VAL A 4 5.39 -16.37 5.98
CA VAL A 4 6.82 -16.68 6.06
C VAL A 4 7.55 -15.38 6.38
N SER A 5 8.37 -15.44 7.43
CA SER A 5 8.90 -14.22 8.01
C SER A 5 10.39 -14.41 8.30
N ALA A 6 11.03 -13.33 8.74
CA ALA A 6 12.43 -13.41 9.14
C ALA A 6 12.69 -12.44 10.30
N VAL A 7 12.04 -12.68 11.43
CA VAL A 7 12.24 -11.84 12.61
C VAL A 7 13.17 -12.54 13.59
N GLU A 8 13.25 -13.86 13.51
CA GLU A 8 14.13 -14.66 14.38
C GLU A 8 15.29 -15.26 13.59
N ASN A 9 15.08 -16.43 13.00
CA ASN A 9 16.14 -17.11 12.24
C ASN A 9 15.84 -17.34 10.75
N GLY A 10 14.73 -16.80 10.25
CA GLY A 10 14.32 -17.08 8.88
C GLY A 10 15.26 -16.51 7.84
N VAL A 11 15.53 -17.29 6.80
CA VAL A 11 16.48 -16.91 5.77
C VAL A 11 15.91 -15.84 4.84
N ALA A 12 14.59 -15.88 4.65
CA ALA A 12 13.98 -14.96 3.69
C ALA A 12 12.49 -14.86 3.90
N GLU A 13 11.99 -13.63 3.74
CA GLU A 13 10.57 -13.30 3.88
C GLU A 13 9.78 -13.74 2.65
N GLY A 14 8.52 -14.11 2.87
CA GLY A 14 7.63 -14.41 1.76
C GLY A 14 7.31 -13.18 0.92
N ARG A 15 6.99 -13.41 -0.34
CA ARG A 15 6.57 -12.32 -1.20
C ARG A 15 5.53 -11.45 -0.54
N VAL A 16 4.45 -12.05 -0.05
CA VAL A 16 3.33 -11.34 0.56
C VAL A 16 3.75 -10.61 1.82
N THR A 17 4.64 -11.25 2.59
CA THR A 17 5.15 -10.60 3.78
C THR A 17 5.78 -9.24 3.52
N LEU A 18 6.55 -9.15 2.43
CA LEU A 18 7.26 -7.93 2.05
C LEU A 18 6.33 -6.85 1.46
N CYS A 19 5.06 -7.21 1.27
CA CYS A 19 4.05 -6.19 0.97
C CYS A 19 3.74 -5.37 2.23
N LYS A 20 3.97 -5.94 3.42
CA LYS A 20 3.58 -5.24 4.63
C LYS A 20 4.82 -4.85 5.42
N PHE A 21 5.82 -5.73 5.42
CA PHE A 21 7.00 -5.54 6.23
C PHE A 21 8.28 -5.31 5.38
N ALA A 22 9.12 -4.37 5.79
CA ALA A 22 10.42 -4.17 5.13
C ALA A 22 11.40 -5.35 5.27
N ALA A 23 12.13 -5.64 4.21
CA ALA A 23 13.12 -6.69 4.22
C ALA A 23 14.21 -6.46 5.27
N ASN A 24 14.68 -7.51 5.84
CA ASN A 24 15.71 -7.40 6.83
C ASN A 24 16.97 -6.92 6.14
N GLY A 25 17.47 -5.78 6.49
CA GLY A 25 18.81 -5.47 6.08
C GLY A 25 18.78 -4.47 4.99
N THR A 26 18.04 -4.76 3.95
CA THR A 26 17.98 -3.82 2.86
C THR A 26 16.86 -2.84 2.99
N GLY A 27 15.79 -3.17 3.72
CA GLY A 27 14.65 -2.27 3.82
C GLY A 27 13.67 -2.21 2.63
N GLU A 28 13.84 -3.09 1.64
CA GLU A 28 12.94 -3.05 0.49
C GLU A 28 11.56 -3.59 0.83
N LYS A 29 10.55 -3.14 0.09
CA LYS A 29 9.21 -3.74 0.14
C LYS A 29 8.76 -4.11 -1.28
N ASN A 30 7.84 -5.07 -1.38
CA ASN A 30 7.17 -5.33 -2.64
C ASN A 30 6.12 -4.24 -2.82
N THR A 31 5.82 -3.89 -4.07
CA THR A 31 4.91 -2.78 -4.33
C THR A 31 3.64 -3.25 -5.02
N HIS A 32 2.63 -2.39 -4.96
CA HIS A 32 1.37 -2.62 -5.64
C HIS A 32 0.85 -4.04 -5.45
N CYS A 33 0.82 -4.52 -4.22
CA CYS A 33 0.31 -5.86 -3.94
C CYS A 33 -1.21 -5.94 -3.82
N GLY A 34 -1.88 -4.79 -3.80
CA GLY A 34 -3.32 -4.80 -3.65
C GLY A 34 -3.74 -5.09 -2.21
N ALA A 35 -4.96 -5.57 -2.04
CA ALA A 35 -5.59 -5.63 -0.74
C ALA A 35 -4.86 -6.54 0.27
N ILE A 36 -4.21 -7.58 -0.21
CA ILE A 36 -3.51 -8.52 0.68
C ILE A 36 -2.37 -7.84 1.43
N GLN A 37 -1.93 -6.66 0.96
CA GLN A 37 -0.87 -5.95 1.69
C GLN A 37 -1.27 -5.71 3.14
N TYR A 38 -2.58 -5.61 3.39
CA TYR A 38 -3.08 -5.35 4.74
C TYR A 38 -3.32 -6.61 5.58
N GLU A 39 -3.33 -7.78 4.94
CA GLU A 39 -3.42 -9.05 5.67
C GLU A 39 -2.56 -10.17 5.06
N PRO A 40 -1.25 -10.01 5.15
CA PRO A 40 -0.31 -10.97 4.58
C PRO A 40 -0.54 -12.37 5.15
N GLN A 41 -1.34 -12.48 6.20
CA GLN A 41 -1.54 -13.76 6.93
C GLN A 41 -2.60 -14.65 6.29
N SER A 42 -3.26 -14.12 5.27
CA SER A 42 -4.48 -14.74 4.77
C SER A 42 -4.40 -15.27 3.33
N VAL A 43 -3.23 -15.69 2.88
CA VAL A 43 -3.10 -16.32 1.57
C VAL A 43 -3.52 -17.80 1.73
N GLU A 44 -4.82 -18.03 1.92
CA GLU A 44 -5.37 -19.37 2.17
C GLU A 44 -6.10 -19.82 0.93
N GLY A 45 -5.96 -21.10 0.59
CA GLY A 45 -6.64 -21.65 -0.57
C GLY A 45 -7.00 -23.12 -0.38
N PRO A 46 -7.57 -23.73 -1.42
CA PRO A 46 -7.97 -25.14 -1.38
C PRO A 46 -6.73 -25.99 -1.13
N ASP A 47 -6.86 -27.01 -0.29
CA ASP A 47 -5.76 -27.93 -0.03
C ASP A 47 -5.55 -28.88 -1.22
N GLY A 48 -4.63 -29.84 -1.08
CA GLY A 48 -4.44 -30.87 -2.10
C GLY A 48 -3.41 -30.63 -3.21
N PHE A 49 -2.66 -29.55 -3.11
CA PHE A 49 -1.60 -29.25 -4.08
C PHE A 49 -0.56 -30.36 -4.05
N PRO A 50 -0.13 -30.85 -5.22
CA PRO A 50 -0.45 -30.37 -6.58
C PRO A 50 -1.59 -31.09 -7.29
N VAL A 51 -2.12 -32.18 -6.77
CA VAL A 51 -3.14 -32.90 -7.50
C VAL A 51 -4.39 -32.05 -7.73
N THR A 52 -4.82 -31.37 -6.67
CA THR A 52 -5.90 -30.40 -6.75
C THR A 52 -5.17 -29.14 -6.28
N GLY A 53 -5.87 -28.25 -5.60
CA GLY A 53 -5.21 -27.11 -4.95
C GLY A 53 -5.44 -25.96 -5.89
N PRO A 54 -4.79 -24.82 -5.63
CA PRO A 54 -4.91 -23.67 -6.52
C PRO A 54 -4.46 -24.03 -7.93
N ARG A 55 -5.21 -23.56 -8.91
CA ARG A 55 -4.85 -23.88 -10.30
C ARG A 55 -3.67 -23.05 -10.83
N ASP A 56 -3.02 -23.54 -11.88
CA ASP A 56 -1.90 -22.86 -12.50
C ASP A 56 -2.24 -21.40 -12.79
N GLY A 57 -1.29 -20.52 -12.52
CA GLY A 57 -1.49 -19.10 -12.69
C GLY A 57 -2.18 -18.47 -11.48
N LYS A 58 -2.69 -19.28 -10.56
CA LYS A 58 -3.25 -18.79 -9.30
C LYS A 58 -2.57 -19.40 -8.06
N ILE A 59 -1.33 -19.86 -8.20
CA ILE A 59 -0.60 -20.44 -7.07
C ILE A 59 -0.17 -19.40 -6.04
N ALA A 60 0.47 -18.32 -6.50
CA ALA A 60 0.94 -17.29 -5.57
C ALA A 60 -0.20 -16.64 -4.79
N SER A 61 -1.38 -16.51 -5.40
CA SER A 61 -2.54 -15.91 -4.75
C SER A 61 -3.41 -16.94 -4.01
N ALA A 62 -3.15 -18.22 -4.25
CA ALA A 62 -3.97 -19.32 -3.73
C ALA A 62 -5.45 -19.21 -4.11
N GLU A 63 -5.71 -18.57 -5.24
CA GLU A 63 -7.08 -18.23 -5.69
C GLU A 63 -7.83 -17.23 -4.81
N SER A 64 -7.15 -16.64 -3.83
CA SER A 64 -7.78 -15.61 -3.02
C SER A 64 -8.05 -14.31 -3.80
N ALA A 65 -9.23 -13.74 -3.65
CA ALA A 65 -9.54 -12.50 -4.37
C ALA A 65 -8.73 -11.31 -3.89
N LEU A 66 -8.34 -11.31 -2.61
CA LEU A 66 -7.52 -10.22 -2.07
C LEU A 66 -6.10 -10.16 -2.62
N ALA A 67 -5.61 -11.30 -3.08
CA ALA A 67 -4.20 -11.45 -3.43
C ALA A 67 -3.94 -11.63 -4.90
N ALA A 68 -4.88 -11.21 -5.73
CA ALA A 68 -4.72 -11.34 -7.18
C ALA A 68 -3.41 -10.80 -7.77
N ALA A 69 -2.85 -9.74 -7.19
CA ALA A 69 -1.67 -9.12 -7.74
C ALA A 69 -0.46 -10.03 -7.63
N LEU A 70 -0.48 -10.96 -6.67
CA LEU A 70 0.69 -11.81 -6.46
C LEU A 70 0.95 -12.77 -7.61
N ASP A 71 -0.06 -12.95 -8.45
CA ASP A 71 0.06 -13.88 -9.56
C ASP A 71 0.87 -13.36 -10.75
N GLU A 72 1.15 -12.06 -10.79
CA GLU A 72 2.01 -11.54 -11.84
C GLU A 72 3.40 -12.17 -11.70
N GLN A 73 4.05 -12.43 -12.83
CA GLN A 73 5.34 -13.09 -12.81
C GLN A 73 6.21 -12.62 -13.98
N THR A 74 7.18 -11.76 -13.65
CA THR A 74 8.22 -11.39 -14.59
C THR A 74 9.55 -11.42 -13.86
N ALA A 75 10.63 -11.30 -14.60
CA ALA A 75 11.96 -11.32 -14.01
C ALA A 75 12.24 -10.15 -13.05
N ASP A 76 11.53 -9.04 -13.22
CA ASP A 76 11.83 -7.84 -12.43
C ASP A 76 10.72 -7.36 -11.48
N ARG A 77 9.63 -8.11 -11.40
CA ARG A 77 8.45 -7.65 -10.66
C ARG A 77 8.65 -7.64 -9.14
N TRP A 78 9.40 -8.61 -8.62
CA TRP A 78 9.43 -8.85 -7.18
C TRP A 78 10.81 -8.68 -6.58
N VAL A 79 10.84 -8.22 -5.33
CA VAL A 79 12.06 -8.14 -4.57
C VAL A 79 12.65 -9.54 -4.34
N LYS A 80 13.95 -9.72 -4.62
CA LYS A 80 14.57 -11.03 -4.48
C LYS A 80 15.50 -11.02 -3.27
N ARG A 81 15.46 -12.09 -2.48
CA ARG A 81 16.23 -12.17 -1.24
C ARG A 81 17.37 -13.19 -1.41
N PRO A 82 18.59 -12.79 -1.00
CA PRO A 82 19.76 -13.67 -1.13
C PRO A 82 19.58 -15.02 -0.43
N ILE A 83 20.09 -16.08 -1.04
CA ILE A 83 20.03 -17.40 -0.42
C ILE A 83 21.19 -18.25 -0.95
N GLN A 84 21.49 -19.35 -0.26
CA GLN A 84 22.49 -20.31 -0.75
C GLN A 84 21.93 -21.73 -0.66
N ALA A 85 22.48 -22.63 -1.47
CA ALA A 85 22.10 -24.03 -1.41
C ALA A 85 22.55 -24.63 -0.07
N GLY A 86 22.03 -25.81 0.23
CA GLY A 86 22.31 -26.50 1.48
C GLY A 86 21.36 -26.11 2.61
N PRO A 87 21.75 -26.45 3.85
CA PRO A 87 20.99 -26.17 5.07
C PRO A 87 20.56 -24.70 5.19
N GLN A 88 19.26 -24.50 5.30
CA GLN A 88 18.72 -23.16 5.51
C GLN A 88 17.52 -23.25 6.44
N THR A 89 17.25 -22.18 7.18
CA THR A 89 16.10 -22.16 8.10
C THR A 89 14.96 -21.27 7.60
N PHE A 90 13.78 -21.85 7.44
CA PHE A 90 12.60 -21.09 7.05
C PHE A 90 11.69 -20.91 8.28
N GLU A 91 11.01 -19.77 8.35
CA GLU A 91 10.33 -19.34 9.56
C GLU A 91 8.92 -18.86 9.24
N TRP A 92 7.93 -19.32 10.02
CA TRP A 92 6.57 -18.82 9.85
C TRP A 92 6.11 -18.10 11.10
N THR A 93 5.34 -17.04 10.92
CA THR A 93 4.67 -16.34 12.00
C THR A 93 3.18 -16.62 11.88
N PHE A 94 2.55 -17.06 12.96
CA PHE A 94 1.11 -17.37 12.92
C PHE A 94 0.32 -16.31 13.67
N THR A 95 -0.70 -15.74 13.03
CA THR A 95 -1.58 -14.81 13.73
C THR A 95 -2.79 -15.52 14.34
N ALA A 96 -3.07 -16.74 13.87
CA ALA A 96 -4.18 -17.53 14.39
C ALA A 96 -3.81 -19.00 14.50
N ASN A 97 -4.44 -19.69 15.45
CA ASN A 97 -4.09 -21.08 15.78
C ASN A 97 -4.87 -22.19 15.07
N HIS A 98 -4.17 -22.97 14.25
CA HIS A 98 -4.77 -24.07 13.51
C HIS A 98 -4.02 -25.37 13.76
N VAL A 99 -4.77 -26.45 13.94
CA VAL A 99 -4.20 -27.80 13.95
C VAL A 99 -3.53 -28.00 12.60
N THR A 100 -2.33 -28.56 12.60
CA THR A 100 -1.54 -28.65 11.37
C THR A 100 -1.19 -30.06 10.94
N LYS A 101 -1.38 -30.36 9.66
CA LYS A 101 -1.02 -31.68 9.14
C LYS A 101 0.47 -31.68 8.85
N ASP A 102 0.92 -30.73 8.02
CA ASP A 102 2.34 -30.57 7.73
C ASP A 102 2.69 -29.27 7.04
N TRP A 103 3.99 -29.09 6.79
CA TRP A 103 4.52 -28.03 5.94
C TRP A 103 5.37 -28.67 4.86
N LYS A 104 5.20 -28.21 3.62
CA LYS A 104 5.98 -28.73 2.52
C LYS A 104 6.59 -27.55 1.77
N TYR A 105 7.81 -27.73 1.28
CA TYR A 105 8.49 -26.69 0.51
C TYR A 105 8.92 -27.22 -0.86
N TYR A 106 8.59 -26.46 -1.89
CA TYR A 106 8.94 -26.78 -3.27
C TYR A 106 9.81 -25.69 -3.89
N ILE A 107 10.62 -26.05 -4.88
CA ILE A 107 11.43 -25.05 -5.58
C ILE A 107 11.31 -25.18 -7.08
N THR A 108 11.44 -24.05 -7.78
CA THR A 108 11.38 -24.08 -9.24
C THR A 108 12.47 -24.97 -9.85
N LYS A 109 12.12 -25.62 -10.97
CA LYS A 109 13.10 -26.32 -11.79
C LYS A 109 14.11 -25.33 -12.36
N PRO A 110 15.37 -25.77 -12.55
CA PRO A 110 16.41 -24.92 -13.16
C PRO A 110 15.99 -24.29 -14.49
N ASN A 111 15.09 -24.95 -15.22
CA ASN A 111 14.65 -24.43 -16.50
C ASN A 111 13.36 -23.63 -16.41
N TRP A 112 12.97 -23.23 -15.20
CA TRP A 112 11.73 -22.47 -15.04
C TRP A 112 11.83 -21.13 -15.78
N ASN A 113 10.69 -20.64 -16.28
CA ASN A 113 10.67 -19.37 -16.99
C ASN A 113 10.13 -18.24 -16.10
N PRO A 114 11.00 -17.33 -15.67
CA PRO A 114 10.60 -16.27 -14.74
C PRO A 114 9.55 -15.31 -15.32
N ASN A 115 9.23 -15.46 -16.61
CA ASN A 115 8.24 -14.59 -17.23
C ASN A 115 6.90 -15.26 -17.55
N GLN A 116 6.77 -16.54 -17.19
CA GLN A 116 5.49 -17.24 -17.31
C GLN A 116 4.84 -17.29 -15.95
N PRO A 117 3.50 -17.30 -15.89
CA PRO A 117 2.86 -17.47 -14.59
C PRO A 117 3.30 -18.78 -13.94
N LEU A 118 3.43 -18.77 -12.63
CA LEU A 118 3.85 -19.95 -11.89
C LEU A 118 2.89 -21.12 -12.16
N SER A 119 3.44 -22.30 -12.33
CA SER A 119 2.61 -23.46 -12.63
C SER A 119 3.23 -24.68 -12.01
N ARG A 120 2.49 -25.78 -12.01
CA ARG A 120 3.06 -27.05 -11.57
C ARG A 120 4.29 -27.37 -12.44
N ASP A 121 4.19 -27.09 -13.72
CA ASP A 121 5.31 -27.27 -14.64
C ASP A 121 6.61 -26.57 -14.17
N ALA A 122 6.46 -25.43 -13.52
CA ALA A 122 7.61 -24.62 -13.14
C ALA A 122 8.35 -25.17 -11.92
N PHE A 123 7.66 -26.01 -11.15
CA PHE A 123 8.22 -26.56 -9.91
C PHE A 123 8.63 -28.01 -10.04
N ASP A 124 9.65 -28.40 -9.27
CA ASP A 124 9.91 -29.80 -8.97
C ASP A 124 8.87 -30.26 -7.96
N LEU A 125 7.91 -31.07 -8.39
CA LEU A 125 6.73 -31.37 -7.57
C LEU A 125 7.03 -32.38 -6.47
N ASN A 126 8.30 -32.74 -6.33
CA ASN A 126 8.75 -33.55 -5.21
C ASN A 126 9.38 -32.60 -4.20
N PRO A 127 8.67 -32.32 -3.11
CA PRO A 127 9.11 -31.26 -2.17
C PRO A 127 10.54 -31.46 -1.68
N PHE A 128 11.28 -30.36 -1.49
CA PHE A 128 12.67 -30.48 -1.05
C PHE A 128 12.75 -30.54 0.47
N CYS A 129 11.67 -30.10 1.12
CA CYS A 129 11.58 -30.17 2.57
C CYS A 129 10.14 -30.44 3.05
N VAL A 130 9.98 -31.42 3.92
CA VAL A 130 8.67 -31.72 4.52
C VAL A 130 8.82 -31.78 6.03
N VAL A 131 7.97 -31.06 6.75
CA VAL A 131 7.95 -31.14 8.20
C VAL A 131 6.57 -31.53 8.72
N GLU A 132 6.55 -32.59 9.53
CA GLU A 132 5.29 -33.09 10.11
C GLU A 132 4.66 -32.14 11.14
N GLY A 133 3.35 -31.98 11.03
CA GLY A 133 2.61 -31.17 11.96
C GLY A 133 1.97 -32.01 13.04
N ASN A 134 1.84 -33.31 12.76
CA ASN A 134 1.32 -34.27 13.73
C ASN A 134 -0.14 -34.04 14.12
N MET A 135 -0.86 -33.31 13.27
CA MET A 135 -2.26 -32.99 13.53
C MET A 135 -2.47 -32.38 14.93
N VAL A 136 -1.56 -31.48 15.31
CA VAL A 136 -1.73 -30.69 16.53
C VAL A 136 -1.51 -29.22 16.21
N GLN A 137 -1.88 -28.33 17.13
CA GLN A 137 -1.62 -26.89 16.96
C GLN A 137 -0.14 -26.60 17.18
N PRO A 138 0.46 -25.79 16.30
CA PRO A 138 1.86 -25.38 16.45
C PRO A 138 1.93 -24.17 17.36
N PRO A 139 3.12 -23.82 17.86
CA PRO A 139 3.32 -22.53 18.56
C PRO A 139 3.21 -21.36 17.58
N LYS A 140 3.30 -20.12 18.07
CA LYS A 140 3.01 -18.95 17.25
C LYS A 140 4.10 -18.57 16.24
N ARG A 141 5.30 -19.10 16.46
CA ARG A 141 6.37 -19.00 15.47
C ARG A 141 7.09 -20.34 15.42
N VAL A 142 7.32 -20.83 14.19
CA VAL A 142 8.06 -22.08 14.00
C VAL A 142 9.24 -21.85 13.06
N SER A 143 10.28 -22.63 13.30
CA SER A 143 11.46 -22.63 12.44
C SER A 143 11.73 -24.01 11.85
N HIS A 144 11.92 -24.07 10.53
CA HIS A 144 12.11 -25.34 9.84
C HIS A 144 13.49 -25.42 9.21
N GLU A 145 14.25 -26.46 9.57
CA GLU A 145 15.55 -26.74 8.96
C GLU A 145 15.37 -27.53 7.67
N CYS A 146 15.74 -26.92 6.55
CA CYS A 146 15.59 -27.56 5.25
C CYS A 146 16.89 -27.60 4.46
N ILE A 147 16.96 -28.50 3.49
CA ILE A 147 18.10 -28.53 2.58
C ILE A 147 17.73 -28.00 1.21
N VAL A 148 18.21 -26.79 0.93
CA VAL A 148 17.92 -26.09 -0.31
C VAL A 148 18.78 -26.63 -1.46
N PRO A 149 18.12 -27.10 -2.53
CA PRO A 149 18.86 -27.71 -3.64
C PRO A 149 19.75 -26.72 -4.38
N GLU A 150 20.74 -27.25 -5.07
CA GLU A 150 21.67 -26.40 -5.79
C GLU A 150 20.95 -25.66 -6.95
N ARG A 151 21.19 -24.35 -7.04
CA ARG A 151 20.56 -23.50 -8.06
C ARG A 151 21.46 -22.28 -8.37
N GLU A 152 21.20 -21.61 -9.50
CA GLU A 152 21.84 -20.32 -9.84
C GLU A 152 20.79 -19.26 -10.18
N GLY A 153 21.08 -18.00 -9.86
CA GLY A 153 20.21 -16.89 -10.22
C GLY A 153 18.87 -16.84 -9.50
N TYR A 154 17.87 -16.27 -10.16
CA TYR A 154 16.52 -16.12 -9.60
C TYR A 154 15.75 -17.45 -9.54
N GLN A 155 15.21 -17.78 -8.37
CA GLN A 155 14.36 -18.95 -8.20
C GLN A 155 13.16 -18.59 -7.32
N VAL A 156 12.12 -19.41 -7.33
CA VAL A 156 10.97 -19.21 -6.43
C VAL A 156 10.74 -20.46 -5.59
N ILE A 157 10.59 -20.27 -4.30
CA ILE A 157 10.31 -21.36 -3.38
C ILE A 157 8.87 -21.22 -2.92
N LEU A 158 8.09 -22.29 -2.99
CA LEU A 158 6.70 -22.28 -2.56
C LEU A 158 6.56 -23.02 -1.23
N ALA A 159 6.23 -22.28 -0.18
CA ALA A 159 5.95 -22.85 1.14
C ALA A 159 4.46 -23.12 1.30
N VAL A 160 4.10 -24.36 1.63
CA VAL A 160 2.71 -24.76 1.83
C VAL A 160 2.47 -25.25 3.26
N TRP A 161 1.52 -24.61 3.96
CA TRP A 161 1.13 -25.00 5.32
C TRP A 161 -0.23 -25.68 5.24
N ASP A 162 -0.25 -26.99 5.45
CA ASP A 162 -1.49 -27.75 5.32
C ASP A 162 -2.19 -27.86 6.66
N VAL A 163 -3.39 -27.31 6.72
CA VAL A 163 -4.14 -27.29 7.96
C VAL A 163 -5.02 -28.55 8.10
N GLY A 164 -5.14 -29.06 9.32
CA GLY A 164 -5.72 -30.37 9.55
C GLY A 164 -7.22 -30.49 9.70
N ASP A 165 -7.88 -29.43 10.12
CA ASP A 165 -9.30 -29.52 10.47
C ASP A 165 -10.19 -28.98 9.35
N THR A 166 -9.58 -28.34 8.36
CA THR A 166 -10.34 -27.81 7.24
C THR A 166 -9.74 -28.24 5.91
N ALA A 167 -10.48 -28.02 4.83
CA ALA A 167 -10.04 -28.42 3.51
C ALA A 167 -9.13 -27.36 2.90
N ALA A 168 -8.24 -26.80 3.72
CA ALA A 168 -7.48 -25.62 3.32
C ALA A 168 -5.98 -25.69 3.59
N SER A 169 -5.19 -24.94 2.80
CA SER A 169 -3.77 -24.76 3.05
C SER A 169 -3.38 -23.28 2.84
N PHE A 170 -2.28 -22.88 3.47
CA PHE A 170 -1.75 -21.52 3.24
C PHE A 170 -0.51 -21.60 2.35
N TYR A 171 -0.47 -20.78 1.30
CA TYR A 171 0.61 -20.81 0.31
C TYR A 171 1.39 -19.49 0.31
N ASN A 172 2.70 -19.55 0.58
CA ASN A 172 3.55 -18.37 0.50
C ASN A 172 4.71 -18.61 -0.45
N VAL A 173 4.69 -17.98 -1.62
CA VAL A 173 5.85 -18.03 -2.49
C VAL A 173 6.93 -17.09 -1.97
N ILE A 174 8.18 -17.44 -2.26
CA ILE A 174 9.34 -16.67 -1.81
C ILE A 174 10.27 -16.44 -3.00
N ASP A 175 10.57 -15.17 -3.29
CA ASP A 175 11.51 -14.84 -4.37
C ASP A 175 12.93 -14.76 -3.84
N VAL A 176 13.78 -15.69 -4.29
CA VAL A 176 15.19 -15.71 -3.88
C VAL A 176 16.17 -15.58 -5.05
N LYS A 177 17.38 -15.15 -4.72
CA LYS A 177 18.47 -15.10 -5.70
C LYS A 177 19.68 -15.85 -5.14
N PHE A 178 20.14 -16.87 -5.86
CA PHE A 178 21.24 -17.65 -5.32
C PHE A 178 22.56 -16.89 -5.46
N ASP A 179 23.23 -16.70 -4.34
CA ASP A 179 24.56 -16.07 -4.32
C ASP A 179 25.49 -16.76 -5.30
N PRO A 186 29.50 -4.60 -5.24
CA PRO A 186 30.64 -4.91 -4.38
C PRO A 186 31.38 -3.62 -3.98
N ASP A 187 31.83 -2.88 -5.00
CA ASP A 187 32.29 -1.52 -4.82
C ASP A 187 31.16 -0.55 -5.19
N TRP A 188 29.95 -1.09 -5.30
CA TRP A 188 28.75 -0.31 -5.55
C TRP A 188 27.73 -0.46 -4.40
N ASN A 189 27.41 0.66 -3.76
CA ASN A 189 26.53 0.67 -2.60
C ASN A 189 25.10 1.12 -2.92
N PRO A 190 24.10 0.34 -2.50
CA PRO A 190 22.71 0.82 -2.63
C PRO A 190 22.58 2.15 -1.91
N ALA A 191 21.82 3.08 -2.47
CA ALA A 191 21.70 4.40 -1.84
C ALA A 191 20.36 5.06 -2.08
N GLY A 192 19.39 4.29 -2.53
CA GLY A 192 18.06 4.83 -2.81
C GLY A 192 17.39 4.09 -3.96
N GLN A 193 16.26 4.60 -4.42
CA GLN A 193 15.66 3.99 -5.59
C GLN A 193 14.58 4.83 -6.23
N ILE A 194 14.35 4.54 -7.51
CA ILE A 194 13.31 5.17 -8.28
C ILE A 194 12.09 4.26 -8.20
N ILE A 195 11.07 4.67 -7.46
CA ILE A 195 9.81 3.92 -7.39
C ILE A 195 8.77 4.57 -8.31
N PRO A 196 8.18 3.79 -9.24
CA PRO A 196 7.16 4.34 -10.15
C PRO A 196 5.81 4.36 -9.47
N SER A 197 5.50 5.42 -8.75
CA SER A 197 4.30 5.39 -7.90
C SER A 197 3.28 6.45 -8.28
N MET A 198 3.60 7.21 -9.33
CA MET A 198 2.74 8.33 -9.72
C MET A 198 3.01 8.73 -11.17
N ASP A 199 1.98 8.76 -12.00
CA ASP A 199 2.15 9.20 -13.39
C ASP A 199 2.46 10.69 -13.42
N LEU A 200 3.11 11.13 -14.49
CA LEU A 200 3.44 12.55 -14.64
C LEU A 200 2.67 13.13 -15.83
N SER A 201 2.82 14.42 -16.06
CA SER A 201 2.19 15.09 -17.20
C SER A 201 3.25 15.76 -18.03
N ILE A 202 3.04 15.84 -19.34
CA ILE A 202 4.00 16.49 -20.22
C ILE A 202 4.34 17.88 -19.69
N GLY A 203 5.61 18.26 -19.77
CA GLY A 203 6.08 19.53 -19.24
C GLY A 203 6.67 19.39 -17.85
N ASP A 204 6.30 18.30 -17.17
CA ASP A 204 6.87 17.98 -15.86
C ASP A 204 8.33 17.54 -15.96
N THR A 205 8.98 17.38 -14.81
CA THR A 205 10.35 16.89 -14.76
C THR A 205 10.57 16.06 -13.50
N VAL A 206 11.20 14.91 -13.64
CA VAL A 206 11.62 14.12 -12.50
C VAL A 206 13.15 14.13 -12.47
N TYR A 207 13.75 14.16 -11.27
CA TYR A 207 15.20 14.29 -11.17
C TYR A 207 15.73 13.69 -9.89
N THR A 208 17.03 13.45 -9.85
CA THR A 208 17.67 12.95 -8.66
C THR A 208 18.17 14.12 -7.80
N ARG A 209 18.24 13.86 -6.51
CA ARG A 209 18.85 14.79 -5.57
C ARG A 209 19.97 14.01 -4.92
N VAL A 210 21.20 14.36 -5.26
CA VAL A 210 22.35 13.57 -4.84
C VAL A 210 23.07 14.22 -3.66
N PHE A 211 23.37 13.43 -2.64
CA PHE A 211 23.99 13.92 -1.41
C PHE A 211 25.43 13.44 -1.20
N ASP A 212 26.37 14.37 -1.07
CA ASP A 212 27.72 14.01 -0.66
C ASP A 212 27.94 14.36 0.80
N ASN A 213 29.21 14.46 1.19
CA ASN A 213 29.56 14.69 2.58
C ASN A 213 29.07 16.04 3.12
N ASP A 214 28.81 16.98 2.22
CA ASP A 214 28.41 18.33 2.64
C ASP A 214 26.92 18.54 2.43
N GLY A 215 26.21 17.47 2.09
CA GLY A 215 24.78 17.54 1.81
C GLY A 215 24.48 17.41 0.32
N GLU A 216 23.31 17.91 -0.09
CA GLU A 216 22.90 17.85 -1.48
C GLU A 216 23.93 18.55 -2.36
N ASN A 217 24.12 18.06 -3.59
CA ASN A 217 25.09 18.63 -4.52
C ASN A 217 24.57 18.60 -5.96
N PRO A 218 24.22 19.77 -6.51
CA PRO A 218 23.59 19.89 -7.83
C PRO A 218 24.49 19.49 -8.99
N ALA A 219 25.80 19.40 -8.78
CA ALA A 219 26.71 19.02 -9.85
C ALA A 219 26.49 17.57 -10.27
N TYR A 220 25.84 16.81 -9.39
CA TYR A 220 25.63 15.38 -9.59
C TYR A 220 24.21 15.01 -10.04
N ARG A 221 23.34 16.00 -10.17
CA ARG A 221 21.93 15.73 -10.46
C ARG A 221 21.77 15.15 -11.85
N THR A 222 20.78 14.27 -12.03
CA THR A 222 20.37 13.85 -13.35
C THR A 222 18.91 14.28 -13.53
N GLU A 223 18.60 14.84 -14.70
CA GLU A 223 17.27 15.42 -14.92
C GLU A 223 16.61 14.82 -16.15
N LEU A 224 15.33 14.45 -16.04
CA LEU A 224 14.57 13.95 -17.18
C LEU A 224 13.31 14.78 -17.41
N LYS A 225 13.24 15.46 -18.54
CA LYS A 225 12.06 16.22 -18.89
C LYS A 225 11.00 15.26 -19.41
N ILE A 226 9.75 15.44 -18.99
CA ILE A 226 8.67 14.61 -19.47
C ILE A 226 8.09 15.26 -20.73
N ASP A 227 8.60 14.87 -21.88
CA ASP A 227 8.30 15.56 -23.13
C ASP A 227 7.60 14.70 -24.18
N SER A 228 6.92 13.65 -23.73
CA SER A 228 6.18 12.78 -24.65
C SER A 228 5.13 12.04 -23.85
N GLU A 229 4.04 11.67 -24.52
CA GLU A 229 2.95 10.96 -23.85
C GLU A 229 3.46 9.66 -23.24
N THR A 230 4.41 9.02 -23.91
CA THR A 230 4.96 7.77 -23.42
C THR A 230 5.70 7.93 -22.08
N LEU A 231 6.34 9.08 -21.88
CA LEU A 231 7.08 9.33 -20.64
C LEU A 231 6.17 9.64 -19.44
N THR A 232 4.87 9.83 -19.68
CA THR A 232 3.97 10.16 -18.58
C THR A 232 3.70 8.95 -17.67
N LYS A 233 3.86 7.76 -18.23
CA LYS A 233 3.58 6.55 -17.47
C LYS A 233 4.71 6.25 -16.50
N ALA A 234 4.36 5.96 -15.24
CA ALA A 234 5.36 5.81 -14.18
C ALA A 234 6.47 4.82 -14.50
N ASN A 235 6.11 3.63 -14.97
CA ASN A 235 7.12 2.64 -15.33
C ASN A 235 8.04 3.15 -16.45
N GLN A 236 7.54 4.05 -17.30
CA GLN A 236 8.31 4.57 -18.42
C GLN A 236 9.30 5.66 -18.02
N TRP A 237 8.88 6.59 -17.18
CA TRP A 237 9.83 7.65 -16.78
C TRP A 237 10.85 7.08 -15.80
N SER A 238 10.46 6.05 -15.07
CA SER A 238 11.37 5.36 -14.17
C SER A 238 12.50 4.73 -14.98
N TYR A 239 12.14 3.91 -15.96
CA TYR A 239 13.12 3.32 -16.86
C TYR A 239 14.03 4.36 -17.50
N ALA A 240 13.44 5.46 -17.96
CA ALA A 240 14.18 6.48 -18.68
C ALA A 240 15.19 7.25 -17.79
N LEU A 241 14.79 7.53 -16.55
CA LEU A 241 15.66 8.26 -15.62
C LEU A 241 16.82 7.36 -15.23
N ALA A 242 16.50 6.11 -14.92
CA ALA A 242 17.53 5.10 -14.62
C ALA A 242 18.54 4.99 -15.76
N THR A 243 18.05 4.90 -17.00
CA THR A 243 18.91 4.82 -18.17
C THR A 243 19.79 6.07 -18.28
N LYS A 244 19.21 7.24 -18.08
CA LYS A 244 19.95 8.48 -18.25
C LYS A 244 21.06 8.63 -17.19
N ILE A 245 20.79 8.16 -15.98
CA ILE A 245 21.82 8.12 -14.94
C ILE A 245 23.04 7.32 -15.43
N ASN A 246 22.81 6.12 -15.93
CA ASN A 246 23.89 5.27 -16.46
C ASN A 246 24.64 5.89 -17.64
N GLN A 247 23.92 6.61 -18.49
CA GLN A 247 24.51 7.20 -19.69
C GLN A 247 25.40 8.39 -19.35
N THR A 248 25.09 9.08 -18.26
CA THR A 248 25.70 10.39 -18.02
C THR A 248 26.55 10.52 -16.76
N GLN A 249 26.54 9.52 -15.89
CA GLN A 249 27.24 9.67 -14.61
C GLN A 249 28.36 8.66 -14.46
N LYS A 250 29.40 9.02 -13.70
CA LYS A 250 30.52 8.13 -13.47
C LYS A 250 30.40 7.43 -12.13
N GLN A 251 29.94 8.15 -11.12
CA GLN A 251 29.90 7.63 -9.76
C GLN A 251 28.50 7.09 -9.35
N GLN A 252 27.57 7.01 -10.28
CA GLN A 252 26.21 6.55 -9.99
C GLN A 252 25.73 5.53 -11.02
N ARG A 253 24.95 4.55 -10.57
CA ARG A 253 24.30 3.59 -11.46
C ARG A 253 22.86 3.35 -10.99
N ALA A 254 22.02 2.86 -11.89
CA ALA A 254 20.64 2.56 -11.54
C ALA A 254 20.12 1.38 -12.36
N GLY A 255 19.17 0.64 -11.81
CA GLY A 255 18.63 -0.53 -12.49
C GLY A 255 18.78 -1.77 -11.63
N GLN A 256 18.14 -2.85 -12.03
CA GLN A 256 18.22 -4.09 -11.26
C GLN A 256 19.52 -4.82 -11.57
N LEU A 257 20.02 -5.57 -10.62
CA LEU A 257 21.27 -6.28 -10.79
C LEU A 257 21.04 -7.59 -11.51
N ASN A 258 21.54 -7.69 -12.74
CA ASN A 258 21.45 -8.92 -13.51
C ASN A 258 22.83 -9.37 -13.94
N GLY A 259 23.44 -10.22 -13.13
CA GLY A 259 24.83 -10.57 -13.29
C GLY A 259 25.69 -9.49 -12.70
N ASP A 260 26.57 -8.91 -13.51
CA ASP A 260 27.44 -7.83 -13.07
C ASP A 260 26.96 -6.48 -13.62
N GLN A 261 25.79 -6.49 -14.24
CA GLN A 261 25.29 -5.30 -14.92
C GLN A 261 24.10 -4.67 -14.22
N PHE A 262 24.03 -3.35 -14.28
CA PHE A 262 22.85 -2.62 -13.83
C PHE A 262 21.94 -2.42 -15.02
N VAL A 263 20.72 -2.95 -14.93
CA VAL A 263 19.80 -2.97 -16.05
C VAL A 263 18.50 -2.28 -15.66
N PRO A 264 18.29 -1.06 -16.17
CA PRO A 264 17.02 -0.37 -15.96
C PRO A 264 15.84 -1.22 -16.42
N VAL A 265 14.77 -1.22 -15.64
CA VAL A 265 13.55 -1.94 -16.00
C VAL A 265 12.35 -0.99 -15.99
N TYR A 266 11.23 -1.44 -16.56
CA TYR A 266 10.02 -0.62 -16.51
C TYR A 266 9.28 -0.94 -15.22
N GLY A 267 9.71 -0.27 -14.15
CA GLY A 267 9.24 -0.56 -12.81
C GLY A 267 10.21 0.08 -11.82
N THR A 268 10.43 -0.59 -10.69
CA THR A 268 11.30 -0.04 -9.67
C THR A 268 12.76 -0.17 -10.08
N ASN A 269 13.53 0.91 -9.92
CA ASN A 269 14.95 0.91 -10.23
C ASN A 269 15.83 1.37 -9.07
N PRO A 270 16.48 0.43 -8.38
CA PRO A 270 17.38 0.80 -7.28
C PRO A 270 18.51 1.69 -7.79
N ILE A 271 19.04 2.55 -6.93
CA ILE A 271 20.15 3.43 -7.27
C ILE A 271 21.40 3.05 -6.45
N TYR A 272 22.58 3.07 -7.07
CA TYR A 272 23.81 2.66 -6.41
C TYR A 272 24.85 3.77 -6.47
N LEU A 273 25.73 3.83 -5.46
CA LEU A 273 26.77 4.85 -5.45
C LEU A 273 28.14 4.18 -5.37
N LYS A 274 29.10 4.76 -6.06
CA LYS A 274 30.45 4.19 -6.18
C LYS A 274 31.25 4.33 -4.89
N GLU A 275 31.77 3.21 -4.39
CA GLU A 275 32.63 3.28 -3.23
C GLU A 275 33.77 4.26 -3.50
N GLY A 276 34.10 5.09 -2.51
CA GLY A 276 35.18 6.06 -2.65
C GLY A 276 34.79 7.34 -3.36
N SER A 277 33.52 7.46 -3.73
CA SER A 277 33.04 8.64 -4.43
C SER A 277 32.72 9.77 -3.46
N GLY A 278 32.47 9.42 -2.20
CA GLY A 278 32.05 10.40 -1.21
C GLY A 278 30.55 10.67 -1.25
N LEU A 279 29.85 9.99 -2.14
CA LEU A 279 28.40 10.15 -2.27
C LEU A 279 27.66 9.25 -1.27
N LYS A 280 26.64 9.82 -0.63
CA LYS A 280 25.95 9.19 0.48
C LYS A 280 24.62 8.55 0.09
N SER A 281 23.77 9.30 -0.58
CA SER A 281 22.48 8.76 -0.97
C SER A 281 21.82 9.60 -2.03
N VAL A 282 20.73 9.08 -2.57
CA VAL A 282 19.98 9.76 -3.60
C VAL A 282 18.50 9.68 -3.27
N GLU A 283 17.81 10.80 -3.41
CA GLU A 283 16.37 10.83 -3.29
C GLU A 283 15.85 11.32 -4.62
N ILE A 284 14.55 11.26 -4.82
CA ILE A 284 13.94 11.71 -6.06
C ILE A 284 13.09 12.93 -5.77
N GLY A 285 13.07 13.86 -6.70
CA GLY A 285 12.25 15.05 -6.60
C GLY A 285 11.44 15.18 -7.87
N TYR A 286 10.29 15.85 -7.80
CA TYR A 286 9.39 16.01 -8.94
C TYR A 286 9.14 17.50 -9.13
N GLN A 287 9.32 17.99 -10.35
CA GLN A 287 8.97 19.37 -10.68
C GLN A 287 7.78 19.38 -11.64
N ILE A 288 6.69 19.99 -11.26
CA ILE A 288 5.50 19.98 -12.10
C ILE A 288 5.09 21.36 -12.55
N GLU A 289 5.33 21.69 -13.81
CA GLU A 289 5.05 23.04 -14.28
C GLU A 289 3.61 23.00 -14.58
N ALA A 290 3.08 21.80 -14.43
CA ALA A 290 1.76 21.43 -14.85
C ALA A 290 0.66 22.21 -14.16
N PRO A 291 -0.48 22.22 -14.83
CA PRO A 291 -1.66 22.96 -14.39
C PRO A 291 -2.38 22.19 -13.34
N GLN A 292 -3.01 22.87 -12.41
CA GLN A 292 -3.82 22.18 -11.42
C GLN A 292 -5.24 22.08 -11.85
N PRO A 293 -5.64 20.99 -12.46
CA PRO A 293 -7.07 20.85 -12.72
C PRO A 293 -7.78 21.39 -11.52
N GLU A 294 -8.93 22.00 -11.72
CA GLU A 294 -9.71 22.46 -10.60
C GLU A 294 -10.80 21.44 -10.30
N TYR A 295 -10.96 21.08 -9.05
CA TYR A 295 -12.00 20.14 -8.69
C TYR A 295 -12.96 20.86 -7.75
N SER A 296 -14.19 20.40 -7.68
CA SER A 296 -15.20 21.11 -6.91
C SER A 296 -16.41 20.20 -6.74
N LEU A 297 -16.97 20.21 -5.54
CA LEU A 297 -18.20 19.51 -5.24
C LEU A 297 -19.09 20.46 -4.46
N THR A 298 -20.10 20.99 -5.11
CA THR A 298 -21.03 21.91 -4.48
C THR A 298 -22.14 21.09 -3.87
N VAL A 299 -22.30 21.22 -2.55
CA VAL A 299 -23.37 20.50 -1.85
C VAL A 299 -24.50 21.44 -1.49
N SER A 300 -25.70 21.14 -2.00
CA SER A 300 -26.87 21.95 -1.70
C SER A 300 -27.92 21.11 -1.01
N GLY A 301 -28.82 21.79 -0.28
CA GLY A 301 -29.94 21.12 0.37
C GLY A 301 -29.83 20.90 1.87
N LEU A 302 -28.67 21.22 2.44
CA LEU A 302 -28.50 21.09 3.89
C LEU A 302 -29.13 22.27 4.65
N ALA A 303 -30.14 21.99 5.46
CA ALA A 303 -30.80 23.03 6.26
C ALA A 303 -29.95 23.42 7.47
N LYS A 304 -30.32 24.51 8.13
CA LYS A 304 -29.59 24.95 9.31
C LYS A 304 -29.91 24.03 10.47
N GLU A 305 -31.17 23.60 10.51
CA GLU A 305 -31.72 22.87 11.63
C GLU A 305 -32.59 21.75 11.11
N TYR A 306 -32.59 20.63 11.83
CA TYR A 306 -33.56 19.56 11.60
C TYR A 306 -34.33 19.26 12.88
N GLU A 307 -35.65 19.28 12.80
CA GLU A 307 -36.48 19.05 13.98
C GLU A 307 -36.74 17.56 14.16
N ILE A 308 -36.51 17.06 15.37
CA ILE A 308 -36.72 15.65 15.67
C ILE A 308 -38.20 15.31 15.72
N GLY A 309 -38.63 14.46 14.81
CA GLY A 309 -39.99 14.00 14.73
C GLY A 309 -40.14 12.50 14.91
N GLU A 310 -41.20 11.92 14.39
CA GLU A 310 -41.53 10.56 14.75
C GLU A 310 -40.79 9.64 13.83
N GLN A 311 -40.20 10.24 12.83
CA GLN A 311 -39.51 9.56 11.77
C GLN A 311 -38.02 9.84 11.83
N PRO A 312 -37.28 9.03 11.11
CA PRO A 312 -35.83 9.12 11.06
C PRO A 312 -35.44 10.37 10.31
N ILE A 313 -34.45 11.08 10.80
CA ILE A 313 -34.04 12.29 10.12
C ILE A 313 -33.38 12.02 8.76
N GLN A 314 -33.81 12.76 7.74
CA GLN A 314 -33.33 12.64 6.38
C GLN A 314 -32.70 13.90 5.78
N LEU A 315 -31.49 13.78 5.27
CA LEU A 315 -30.82 14.84 4.52
C LEU A 315 -31.05 14.62 3.04
N ASP A 316 -31.83 15.49 2.40
CA ASP A 316 -32.01 15.44 0.95
C ASP A 316 -31.08 16.46 0.31
N LEU A 317 -30.04 15.98 -0.34
CA LEU A 317 -28.96 16.84 -0.82
C LEU A 317 -28.80 16.78 -2.34
N THR A 318 -28.21 17.84 -2.91
CA THR A 318 -27.76 17.81 -4.29
C THR A 318 -26.25 18.05 -4.39
N LEU A 319 -25.58 17.18 -5.15
CA LEU A 319 -24.17 17.30 -5.38
C LEU A 319 -23.87 17.65 -6.83
N GLU A 320 -23.03 18.67 -7.04
CA GLU A 320 -22.58 19.04 -8.39
C GLU A 320 -21.08 18.92 -8.50
N ALA A 321 -20.63 18.02 -9.37
CA ALA A 321 -19.21 17.72 -9.58
C ALA A 321 -18.55 18.60 -10.64
N GLN A 322 -17.44 19.21 -10.27
CA GLN A 322 -16.49 19.77 -11.22
C GLN A 322 -15.22 18.91 -11.22
N GLY A 323 -14.95 18.29 -12.34
CA GLY A 323 -13.88 17.33 -12.46
C GLY A 323 -14.36 15.91 -12.30
N GLU A 324 -13.56 14.97 -12.78
CA GLU A 324 -13.83 13.57 -12.56
C GLU A 324 -13.32 13.10 -11.21
N MET A 325 -14.23 12.53 -10.45
CA MET A 325 -14.01 12.31 -9.06
C MET A 325 -14.79 11.21 -8.44
N SER A 326 -14.34 10.82 -7.25
CA SER A 326 -15.11 10.05 -6.30
C SER A 326 -15.45 10.93 -5.13
N ALA A 327 -16.72 10.96 -4.75
CA ALA A 327 -17.13 11.80 -3.65
C ALA A 327 -17.48 10.91 -2.48
N GLU A 328 -17.05 11.29 -1.29
CA GLU A 328 -17.40 10.55 -0.07
C GLU A 328 -17.94 11.51 0.97
N LEU A 329 -19.20 11.30 1.34
CA LEU A 329 -19.87 12.04 2.40
C LEU A 329 -20.11 11.20 3.66
N THR A 330 -19.86 11.79 4.83
CA THR A 330 -20.17 11.15 6.11
C THR A 330 -20.81 12.18 7.05
N VAL A 331 -21.83 11.75 7.81
CA VAL A 331 -22.43 12.56 8.86
C VAL A 331 -21.94 12.10 10.24
N TYR A 332 -21.52 13.07 11.06
CA TYR A 332 -21.07 12.79 12.41
C TYR A 332 -21.89 13.61 13.41
N ASN A 333 -22.27 12.99 14.53
CA ASN A 333 -22.85 13.80 15.59
C ASN A 333 -21.71 14.52 16.28
N HIS A 334 -21.98 15.11 17.44
CA HIS A 334 -20.97 15.93 18.10
C HIS A 334 -20.00 15.04 18.86
N HIS A 335 -20.37 13.77 19.05
CA HIS A 335 -19.54 12.85 19.81
C HIS A 335 -18.56 12.06 18.94
N GLN A 336 -18.39 12.49 17.69
CA GLN A 336 -17.54 11.79 16.71
C GLN A 336 -18.13 10.43 16.28
N LYS A 337 -19.42 10.25 16.47
CA LYS A 337 -20.09 9.02 16.07
C LYS A 337 -20.67 9.16 14.68
N PRO A 338 -20.30 8.25 13.74
CA PRO A 338 -20.80 8.43 12.38
C PRO A 338 -22.23 7.92 12.26
N LEU A 339 -23.12 8.73 11.70
CA LEU A 339 -24.53 8.35 11.64
C LEU A 339 -25.02 7.98 10.24
N ALA A 340 -24.20 8.24 9.23
CA ALA A 340 -24.57 7.97 7.83
C ALA A 340 -23.38 8.18 6.89
N SER A 341 -23.36 7.48 5.77
CA SER A 341 -22.24 7.60 4.86
C SER A 341 -22.64 7.20 3.44
N TRP A 342 -21.94 7.77 2.47
CA TRP A 342 -22.31 7.60 1.06
C TRP A 342 -21.13 7.94 0.18
N SER A 343 -20.92 7.16 -0.87
CA SER A 343 -19.84 7.46 -1.81
C SER A 343 -20.18 6.91 -3.20
N GLN A 344 -19.71 7.60 -4.22
CA GLN A 344 -19.98 7.18 -5.58
C GLN A 344 -19.09 7.96 -6.53
N ALA A 345 -18.84 7.37 -7.71
CA ALA A 345 -18.09 8.07 -8.74
C ALA A 345 -19.00 9.10 -9.39
N MET A 346 -18.43 10.24 -9.75
CA MET A 346 -19.17 11.28 -10.45
C MET A 346 -18.34 11.79 -11.60
N THR A 347 -18.99 11.97 -12.75
CA THR A 347 -18.31 12.48 -13.94
C THR A 347 -18.23 14.00 -13.92
N ASP A 348 -17.32 14.54 -14.71
CA ASP A 348 -17.18 15.99 -14.84
C ASP A 348 -18.52 16.58 -15.23
N GLY A 349 -19.08 17.38 -14.32
CA GLY A 349 -20.34 18.07 -14.58
C GLY A 349 -21.61 17.39 -14.12
N GLU A 350 -21.46 16.27 -13.40
CA GLU A 350 -22.62 15.48 -12.97
C GLU A 350 -23.34 16.08 -11.78
N LEU A 351 -24.67 16.13 -11.88
CA LEU A 351 -25.54 16.45 -10.76
C LEU A 351 -26.18 15.18 -10.24
N LYS A 352 -26.15 14.99 -8.93
CA LYS A 352 -26.87 13.87 -8.34
C LYS A 352 -27.70 14.30 -7.14
N SER A 353 -28.86 13.66 -7.00
CA SER A 353 -29.74 13.87 -5.87
C SER A 353 -29.69 12.65 -5.00
N ILE A 354 -29.37 12.85 -3.73
CA ILE A 354 -29.27 11.75 -2.79
C ILE A 354 -30.04 12.11 -1.53
N THR A 355 -30.33 11.09 -0.73
CA THR A 355 -30.87 11.32 0.60
C THR A 355 -30.09 10.46 1.60
N LEU A 356 -29.60 11.09 2.65
CA LEU A 356 -28.88 10.40 3.72
C LEU A 356 -29.80 10.25 4.91
N GLU A 357 -29.95 9.03 5.41
CA GLU A 357 -30.74 8.82 6.61
C GLU A 357 -29.84 8.61 7.84
N LEU A 358 -30.09 9.39 8.88
CA LEU A 358 -29.30 9.32 10.10
C LEU A 358 -29.69 8.10 10.92
N SER A 359 -28.69 7.32 11.34
CA SER A 359 -28.96 6.12 12.12
C SER A 359 -29.59 6.46 13.47
N GLU A 360 -29.43 7.69 13.92
CA GLU A 360 -30.12 8.11 15.15
C GLU A 360 -30.24 9.64 15.29
N ALA A 361 -31.22 10.05 16.09
CA ALA A 361 -31.63 11.45 16.16
C ALA A 361 -31.63 11.99 17.59
N LYS A 362 -30.55 12.66 17.97
CA LYS A 362 -30.48 13.31 19.28
C LYS A 362 -30.10 14.77 19.06
N ALA A 363 -30.79 15.67 19.73
CA ALA A 363 -30.53 17.10 19.59
C ALA A 363 -29.04 17.40 19.70
N GLY A 364 -28.56 18.33 18.89
CA GLY A 364 -27.16 18.71 18.97
C GLY A 364 -26.49 19.05 17.65
N HIS A 365 -25.23 19.43 17.76
CA HIS A 365 -24.42 19.87 16.63
C HIS A 365 -23.96 18.65 15.84
N HIS A 366 -24.25 18.67 14.54
CA HIS A 366 -23.80 17.62 13.61
C HIS A 366 -22.97 18.26 12.49
N MET A 367 -22.25 17.43 11.75
CA MET A 367 -21.53 17.95 10.60
C MET A 367 -21.51 16.95 9.45
N LEU A 368 -21.51 17.49 8.23
CA LEU A 368 -21.38 16.72 7.00
C LEU A 368 -19.98 16.98 6.47
N VAL A 369 -19.21 15.90 6.34
CA VAL A 369 -17.88 15.99 5.80
C VAL A 369 -17.96 15.46 4.38
N SER A 370 -17.58 16.29 3.40
CA SER A 370 -17.55 15.87 2.00
C SER A 370 -16.11 15.83 1.53
N ARG A 371 -15.69 14.68 1.01
CA ARG A 371 -14.34 14.53 0.45
C ARG A 371 -14.35 14.30 -1.07
N ILE A 372 -13.44 15.00 -1.75
CA ILE A 372 -13.26 14.85 -3.20
C ILE A 372 -11.97 14.10 -3.50
N LYS A 373 -12.05 12.98 -4.20
CA LYS A 373 -10.85 12.30 -4.70
C LYS A 373 -10.83 12.30 -6.23
N ASP A 374 -9.66 12.54 -6.82
CA ASP A 374 -9.57 12.48 -8.28
C ASP A 374 -9.61 11.05 -8.80
N ARG A 375 -9.64 10.89 -10.12
CA ARG A 375 -9.80 9.59 -10.75
C ARG A 375 -8.70 8.62 -10.31
N ASP A 376 -7.52 9.15 -10.03
CA ASP A 376 -6.39 8.34 -9.60
C ASP A 376 -6.44 8.09 -8.10
N GLY A 377 -7.40 8.71 -7.42
CA GLY A 377 -7.71 8.37 -6.05
C GLY A 377 -7.14 9.19 -4.90
N ASN A 378 -6.51 10.34 -5.19
CA ASN A 378 -6.00 11.17 -4.09
C ASN A 378 -6.88 12.38 -3.74
N LEU A 379 -6.93 12.70 -2.45
CA LEU A 379 -7.76 13.78 -1.95
C LEU A 379 -7.40 15.11 -2.60
N GLN A 380 -8.40 15.74 -3.22
CA GLN A 380 -8.22 17.04 -3.82
C GLN A 380 -8.79 18.12 -2.90
N ASP A 381 -9.74 17.75 -2.05
CA ASP A 381 -10.50 18.74 -1.29
C ASP A 381 -11.34 18.08 -0.21
N GLN A 382 -11.49 18.78 0.91
CA GLN A 382 -12.42 18.35 1.96
C GLN A 382 -13.17 19.58 2.44
N GLN A 383 -14.49 19.45 2.56
CA GLN A 383 -15.30 20.52 3.12
C GLN A 383 -16.20 19.97 4.19
N THR A 384 -16.33 20.71 5.29
CA THR A 384 -17.14 20.27 6.42
C THR A 384 -18.23 21.31 6.70
N LEU A 385 -19.49 20.91 6.58
CA LEU A 385 -20.66 21.77 6.78
C LEU A 385 -21.39 21.46 8.09
N ASP A 386 -21.68 22.50 8.86
CA ASP A 386 -22.31 22.36 10.19
C ASP A 386 -23.83 22.41 10.11
N PHE A 387 -24.48 21.54 10.87
CA PHE A 387 -25.94 21.62 11.04
C PHE A 387 -26.39 21.11 12.42
N MET A 388 -27.65 21.38 12.75
CA MET A 388 -28.14 21.11 14.09
C MET A 388 -29.40 20.26 14.06
N LEU A 389 -29.53 19.32 15.00
CA LEU A 389 -30.82 18.69 15.27
C LEU A 389 -31.46 19.38 16.49
N VAL A 390 -32.75 19.63 16.42
CA VAL A 390 -33.44 20.34 17.51
C VAL A 390 -34.74 19.65 17.91
N GLU A 391 -35.12 19.82 19.17
CA GLU A 391 -36.37 19.25 19.66
C GLU A 391 -37.54 20.14 19.25
N HIS B 1 15.78 14.60 4.16
CA HIS B 1 14.66 13.66 4.03
C HIS B 1 14.62 12.76 5.25
N GLY B 2 13.43 12.62 5.83
CA GLY B 2 13.26 11.81 7.02
C GLY B 2 11.83 11.87 7.53
N TYR B 3 11.57 11.16 8.62
CA TYR B 3 10.20 10.98 9.13
C TYR B 3 10.21 10.69 10.62
N VAL B 4 9.09 10.96 11.29
CA VAL B 4 8.94 10.68 12.71
C VAL B 4 8.68 9.18 12.95
N SER B 5 9.53 8.55 13.75
CA SER B 5 9.53 7.10 13.87
C SER B 5 9.54 6.64 15.34
N ALA B 6 9.46 5.34 15.54
CA ALA B 6 9.48 4.75 16.87
C ALA B 6 10.27 3.45 16.79
N VAL B 7 11.49 3.56 16.31
CA VAL B 7 12.37 2.39 16.16
C VAL B 7 13.16 2.19 17.44
N GLU B 8 13.47 3.29 18.11
CA GLU B 8 14.22 3.27 19.36
C GLU B 8 13.44 3.72 20.60
N ASN B 9 13.37 5.02 20.82
CA ASN B 9 12.69 5.54 22.01
C ASN B 9 11.51 6.48 21.66
N GLY B 10 11.19 6.59 20.38
CA GLY B 10 10.07 7.45 19.98
C GLY B 10 8.76 6.95 20.56
N VAL B 11 7.93 7.89 21.00
CA VAL B 11 6.64 7.59 21.63
C VAL B 11 5.60 7.20 20.59
N ALA B 12 5.67 7.81 19.42
CA ALA B 12 4.61 7.66 18.42
C ALA B 12 5.13 8.00 17.04
N GLU B 13 4.78 7.16 16.06
CA GLU B 13 5.21 7.32 14.68
C GLU B 13 4.37 8.39 13.98
N GLY B 14 4.98 9.07 13.03
CA GLY B 14 4.25 9.97 12.15
C GLY B 14 3.15 9.26 11.38
N ARG B 15 2.14 10.03 10.97
CA ARG B 15 1.05 9.48 10.19
C ARG B 15 1.61 8.85 8.92
N VAL B 16 2.44 9.59 8.20
CA VAL B 16 3.03 9.10 6.96
C VAL B 16 3.89 7.85 7.20
N THR B 17 4.58 7.84 8.34
CA THR B 17 5.45 6.73 8.67
C THR B 17 4.64 5.42 8.71
N LEU B 18 3.41 5.53 9.22
CA LEU B 18 2.56 4.34 9.38
C LEU B 18 1.95 3.86 8.08
N CYS B 19 2.18 4.60 7.02
CA CYS B 19 1.76 4.16 5.69
C CYS B 19 2.70 3.12 5.14
N LYS B 20 3.93 3.13 5.66
CA LYS B 20 4.97 2.21 5.19
C LYS B 20 5.29 1.18 6.25
N PHE B 21 5.41 1.63 7.50
CA PHE B 21 5.87 0.78 8.58
C PHE B 21 4.72 0.41 9.50
N ALA B 22 4.71 -0.82 10.00
CA ALA B 22 3.69 -1.25 10.95
C ALA B 22 3.95 -0.59 12.29
N ALA B 23 2.89 -0.27 13.04
CA ALA B 23 3.04 0.43 14.31
C ALA B 23 3.67 -0.46 15.37
N ASN B 24 4.42 0.15 16.27
CA ASN B 24 5.06 -0.59 17.34
C ASN B 24 4.02 -1.18 18.29
N GLY B 25 4.11 -2.48 18.53
CA GLY B 25 3.15 -3.18 19.36
C GLY B 25 1.98 -3.78 18.58
N THR B 26 1.22 -2.92 17.89
CA THR B 26 -0.08 -3.31 17.38
C THR B 26 -0.02 -3.83 15.95
N GLY B 27 0.96 -3.37 15.19
CA GLY B 27 1.13 -3.84 13.83
C GLY B 27 0.18 -3.13 12.89
N GLU B 28 -0.52 -2.13 13.40
CA GLU B 28 -1.46 -1.35 12.59
C GLU B 28 -0.76 -0.53 11.54
N LYS B 29 -1.45 -0.32 10.42
CA LYS B 29 -0.92 0.50 9.35
C LYS B 29 -2.01 1.53 8.99
N ASN B 30 -1.60 2.71 8.51
CA ASN B 30 -2.54 3.62 7.83
C ASN B 30 -2.85 3.09 6.46
N THR B 31 -4.09 3.30 6.00
CA THR B 31 -4.49 2.73 4.73
C THR B 31 -4.67 3.81 3.68
N HIS B 32 -4.50 3.38 2.42
CA HIS B 32 -4.78 4.19 1.24
C HIS B 32 -4.13 5.56 1.35
N CYS B 33 -2.81 5.59 1.53
CA CYS B 33 -2.05 6.85 1.61
C CYS B 33 -1.60 7.39 0.25
N GLY B 34 -1.79 6.62 -0.81
CA GLY B 34 -1.32 7.05 -2.11
C GLY B 34 0.19 6.87 -2.23
N ALA B 35 0.78 7.58 -3.17
CA ALA B 35 2.18 7.40 -3.53
C ALA B 35 3.18 7.53 -2.38
N ILE B 36 2.87 8.40 -1.41
CA ILE B 36 3.82 8.71 -0.34
C ILE B 36 4.05 7.50 0.54
N GLN B 37 3.24 6.47 0.38
CA GLN B 37 3.45 5.29 1.19
C GLN B 37 4.81 4.68 0.86
N TYR B 38 5.30 4.89 -0.35
CA TYR B 38 6.60 4.33 -0.77
C TYR B 38 7.78 5.27 -0.46
N GLU B 39 7.50 6.50 -0.09
CA GLU B 39 8.55 7.40 0.40
C GLU B 39 8.12 8.33 1.55
N PRO B 40 7.95 7.77 2.76
CA PRO B 40 7.47 8.54 3.91
C PRO B 40 8.48 9.63 4.28
N GLN B 41 9.70 9.56 3.74
CA GLN B 41 10.76 10.52 4.05
C GLN B 41 10.57 11.86 3.36
N SER B 42 9.61 11.92 2.45
CA SER B 42 9.56 12.99 1.49
C SER B 42 8.44 14.01 1.67
N VAL B 43 7.91 14.15 2.88
CA VAL B 43 6.89 15.19 3.08
C VAL B 43 7.56 16.56 3.29
N GLU B 44 8.11 17.11 2.19
CA GLU B 44 8.84 18.37 2.18
C GLU B 44 7.96 19.49 1.58
N GLY B 45 8.00 20.66 2.19
CA GLY B 45 7.22 21.78 1.67
C GLY B 45 7.90 23.09 1.97
N PRO B 46 7.24 24.20 1.62
CA PRO B 46 7.85 25.52 1.87
C PRO B 46 8.08 25.79 3.36
N ASP B 47 9.14 26.54 3.67
CA ASP B 47 9.48 26.86 5.06
C ASP B 47 8.71 28.05 5.59
N GLY B 48 8.97 28.44 6.83
CA GLY B 48 8.38 29.64 7.38
C GLY B 48 7.08 29.49 8.14
N PHE B 49 6.68 28.25 8.43
CA PHE B 49 5.49 27.97 9.23
C PHE B 49 5.64 28.59 10.63
N PRO B 50 4.56 29.15 11.20
CA PRO B 50 3.21 29.22 10.63
C PRO B 50 2.91 30.50 9.86
N VAL B 51 3.81 31.48 9.91
CA VAL B 51 3.53 32.73 9.22
C VAL B 51 3.38 32.53 7.70
N THR B 52 4.26 31.70 7.13
CA THR B 52 4.15 31.25 5.75
C THR B 52 4.00 29.73 5.75
N GLY B 53 4.54 29.06 4.74
CA GLY B 53 4.53 27.60 4.71
C GLY B 53 3.29 27.03 4.04
N PRO B 54 3.08 25.71 4.16
CA PRO B 54 1.92 25.04 3.55
C PRO B 54 0.60 25.69 4.01
N ARG B 55 -0.29 25.94 3.05
CA ARG B 55 -1.53 26.60 3.40
C ARG B 55 -2.47 25.69 4.19
N ASP B 56 -3.44 26.29 4.87
CA ASP B 56 -4.46 25.53 5.56
C ASP B 56 -5.06 24.47 4.65
N GLY B 57 -5.28 23.28 5.19
CA GLY B 57 -5.79 22.13 4.46
C GLY B 57 -4.75 21.35 3.67
N LYS B 58 -3.52 21.86 3.61
CA LYS B 58 -2.45 21.19 2.93
C LYS B 58 -1.25 21.05 3.85
N ILE B 59 -1.50 21.15 5.15
CA ILE B 59 -0.45 21.02 6.17
C ILE B 59 0.10 19.60 6.29
N ALA B 60 -0.80 18.63 6.42
CA ALA B 60 -0.40 17.22 6.45
C ALA B 60 0.38 16.70 5.25
N SER B 61 0.05 17.17 4.05
CA SER B 61 0.77 16.80 2.82
C SER B 61 1.93 17.73 2.52
N ALA B 62 2.02 18.85 3.24
CA ALA B 62 3.04 19.90 2.97
C ALA B 62 2.95 20.38 1.51
N GLU B 63 1.76 20.24 0.92
CA GLU B 63 1.54 20.62 -0.48
C GLU B 63 2.26 19.71 -1.47
N SER B 64 2.80 18.59 -0.98
CA SER B 64 3.44 17.63 -1.90
C SER B 64 2.39 16.85 -2.70
N ALA B 65 2.64 16.62 -3.99
CA ALA B 65 1.70 15.84 -4.82
C ALA B 65 1.67 14.37 -4.42
N LEU B 66 2.79 13.85 -3.94
CA LEU B 66 2.83 12.46 -3.51
C LEU B 66 1.90 12.20 -2.33
N ALA B 67 1.67 13.22 -1.53
CA ALA B 67 1.11 13.02 -0.21
C ALA B 67 -0.29 13.57 0.01
N ALA B 68 -0.97 13.94 -1.08
CA ALA B 68 -2.29 14.54 -0.95
C ALA B 68 -3.25 13.75 -0.07
N ALA B 69 -3.17 12.42 -0.06
CA ALA B 69 -4.12 11.64 0.73
C ALA B 69 -4.08 11.98 2.22
N LEU B 70 -2.93 12.47 2.67
CA LEU B 70 -2.76 12.76 4.09
C LEU B 70 -3.60 13.92 4.58
N ASP B 71 -4.15 14.72 3.68
CA ASP B 71 -4.87 15.90 4.11
C ASP B 71 -6.29 15.57 4.56
N GLU B 72 -6.76 14.35 4.31
CA GLU B 72 -8.09 13.97 4.78
C GLU B 72 -8.10 14.10 6.28
N GLN B 73 -9.20 14.62 6.86
CA GLN B 73 -9.27 14.76 8.30
C GLN B 73 -10.68 14.44 8.87
N THR B 74 -10.81 13.29 9.54
CA THR B 74 -12.04 12.94 10.25
C THR B 74 -11.62 12.29 11.54
N ALA B 75 -12.57 12.06 12.45
CA ALA B 75 -12.28 11.44 13.74
C ALA B 75 -11.81 9.99 13.63
N ASP B 76 -12.16 9.32 12.54
CA ASP B 76 -11.86 7.88 12.45
C ASP B 76 -10.92 7.44 11.32
N ARG B 77 -10.41 8.40 10.54
CA ARG B 77 -9.65 8.09 9.33
C ARG B 77 -8.29 7.47 9.57
N TRP B 78 -7.61 7.89 10.64
CA TRP B 78 -6.20 7.57 10.81
C TRP B 78 -5.97 6.72 12.05
N VAL B 79 -4.88 5.95 12.05
CA VAL B 79 -4.53 5.16 13.23
C VAL B 79 -4.08 6.09 14.33
N LYS B 80 -4.68 5.94 15.51
CA LYS B 80 -4.30 6.82 16.60
C LYS B 80 -3.37 6.09 17.57
N ARG B 81 -2.33 6.78 17.99
CA ARG B 81 -1.28 6.19 18.83
C ARG B 81 -1.38 6.70 20.25
N PRO B 82 -1.34 5.78 21.24
CA PRO B 82 -1.51 6.21 22.63
C PRO B 82 -0.38 7.14 23.08
N ILE B 83 -0.72 8.12 23.92
CA ILE B 83 0.25 9.01 24.52
C ILE B 83 -0.27 9.52 25.85
N GLN B 84 0.61 10.12 26.66
CA GLN B 84 0.21 10.76 27.92
C GLN B 84 0.85 12.14 28.00
N ALA B 85 0.28 13.05 28.78
CA ALA B 85 0.89 14.36 28.98
C ALA B 85 2.17 14.20 29.78
N GLY B 86 3.00 15.23 29.79
CA GLY B 86 4.27 15.18 30.52
C GLY B 86 5.44 14.80 29.63
N PRO B 87 6.57 14.41 30.23
CA PRO B 87 7.78 14.07 29.47
C PRO B 87 7.57 12.90 28.52
N GLN B 88 7.91 13.12 27.25
CA GLN B 88 7.85 12.12 26.21
C GLN B 88 9.02 12.34 25.26
N THR B 89 9.39 11.31 24.54
CA THR B 89 10.52 11.37 23.63
C THR B 89 10.00 11.24 22.21
N PHE B 90 10.39 12.18 21.36
CA PHE B 90 10.04 12.10 19.95
C PHE B 90 11.30 11.74 19.17
N GLU B 91 11.12 10.96 18.10
CA GLU B 91 12.24 10.40 17.35
C GLU B 91 12.08 10.69 15.86
N TRP B 92 13.18 11.07 15.21
CA TRP B 92 13.22 11.19 13.76
C TRP B 92 14.26 10.23 13.17
N THR B 93 13.94 9.60 12.04
CA THR B 93 14.91 8.83 11.28
C THR B 93 15.16 9.54 9.96
N PHE B 94 16.43 9.74 9.60
CA PHE B 94 16.76 10.45 8.36
C PHE B 94 17.28 9.54 7.25
N THR B 95 16.76 9.72 6.03
CA THR B 95 17.29 9.00 4.89
C THR B 95 18.36 9.81 4.17
N ALA B 96 18.35 11.12 4.36
CA ALA B 96 19.31 11.99 3.68
C ALA B 96 19.75 13.16 4.56
N ASN B 97 21.03 13.51 4.43
CA ASN B 97 21.68 14.50 5.29
C ASN B 97 21.51 15.97 4.90
N HIS B 98 20.77 16.70 5.73
CA HIS B 98 20.53 18.12 5.58
C HIS B 98 20.99 18.90 6.80
N VAL B 99 21.76 19.96 6.57
CA VAL B 99 22.07 20.92 7.62
C VAL B 99 20.73 21.35 8.23
N THR B 100 20.68 21.42 9.56
CA THR B 100 19.40 21.66 10.26
C THR B 100 19.37 22.99 11.01
N LYS B 101 18.32 23.79 10.80
CA LYS B 101 18.11 25.00 11.62
C LYS B 101 17.51 24.63 12.99
N ASP B 102 16.34 24.00 13.00
CA ASP B 102 15.75 23.50 14.23
C ASP B 102 14.63 22.48 14.01
N TRP B 103 14.18 21.87 15.10
CA TRP B 103 12.95 21.07 15.12
C TRP B 103 11.96 21.74 16.06
N LYS B 104 10.72 21.87 15.63
CA LYS B 104 9.66 22.44 16.47
C LYS B 104 8.45 21.49 16.52
N TYR B 105 7.77 21.43 17.67
CA TYR B 105 6.60 20.57 17.83
C TYR B 105 5.38 21.39 18.31
N TYR B 106 4.27 21.25 17.59
CA TYR B 106 3.02 21.93 17.93
C TYR B 106 1.94 20.89 18.25
N ILE B 107 0.97 21.27 19.10
CA ILE B 107 -0.18 20.41 19.34
C ILE B 107 -1.49 21.15 19.04
N THR B 108 -2.51 20.39 18.64
CA THR B 108 -3.85 20.96 18.47
C THR B 108 -4.39 21.60 19.76
N LYS B 109 -5.24 22.60 19.58
CA LYS B 109 -5.94 23.23 20.69
C LYS B 109 -6.99 22.27 21.21
N PRO B 110 -7.34 22.36 22.50
CA PRO B 110 -8.37 21.50 23.09
C PRO B 110 -9.73 21.62 22.39
N ASN B 111 -10.01 22.77 21.79
CA ASN B 111 -11.27 22.94 21.09
C ASN B 111 -11.20 22.59 19.62
N TRP B 112 -10.14 21.92 19.19
CA TRP B 112 -10.03 21.63 17.76
C TRP B 112 -11.11 20.66 17.28
N ASN B 113 -11.39 20.70 15.97
CA ASN B 113 -12.41 19.86 15.36
C ASN B 113 -11.76 18.80 14.49
N PRO B 114 -11.84 17.54 14.91
CA PRO B 114 -11.17 16.44 14.22
C PRO B 114 -11.82 16.12 12.88
N ASN B 115 -12.93 16.78 12.57
CA ASN B 115 -13.62 16.58 11.29
C ASN B 115 -13.48 17.72 10.28
N GLN B 116 -12.66 18.72 10.61
CA GLN B 116 -12.33 19.80 9.68
C GLN B 116 -10.89 19.63 9.24
N PRO B 117 -10.56 20.12 8.02
CA PRO B 117 -9.18 20.14 7.52
C PRO B 117 -8.24 20.82 8.51
N LEU B 118 -7.04 20.28 8.67
CA LEU B 118 -6.06 20.89 9.56
C LEU B 118 -5.75 22.32 9.12
N SER B 119 -5.68 23.22 10.09
CA SER B 119 -5.43 24.64 9.83
C SER B 119 -4.60 25.25 10.94
N ARG B 120 -4.05 26.43 10.71
CA ARG B 120 -3.35 27.16 11.78
C ARG B 120 -4.26 27.36 13.02
N ASP B 121 -5.54 27.65 12.78
CA ASP B 121 -6.48 27.81 13.90
C ASP B 121 -6.69 26.56 14.78
N ALA B 122 -6.41 25.38 14.25
CA ALA B 122 -6.55 24.14 15.02
C ALA B 122 -5.37 23.94 15.95
N PHE B 123 -4.27 24.64 15.69
CA PHE B 123 -3.05 24.46 16.47
C PHE B 123 -2.76 25.56 17.47
N ASP B 124 -2.13 25.19 18.60
CA ASP B 124 -1.52 26.19 19.45
C ASP B 124 -0.21 26.56 18.75
N LEU B 125 -0.13 27.79 18.25
CA LEU B 125 1.02 28.18 17.44
C LEU B 125 2.26 28.54 18.26
N ASN B 126 2.14 28.39 19.57
CA ASN B 126 3.27 28.46 20.47
C ASN B 126 3.80 27.04 20.64
N PRO B 127 4.90 26.70 19.97
CA PRO B 127 5.30 25.28 19.99
C PRO B 127 5.60 24.77 21.41
N PHE B 128 5.19 23.54 21.74
CA PHE B 128 5.41 23.03 23.10
C PHE B 128 6.85 22.50 23.29
N CYS B 129 7.56 22.36 22.17
CA CYS B 129 8.92 21.81 22.19
C CYS B 129 9.73 22.38 21.03
N VAL B 130 10.91 22.90 21.32
CA VAL B 130 11.86 23.37 20.29
C VAL B 130 13.23 22.79 20.58
N VAL B 131 13.88 22.27 19.55
CA VAL B 131 15.27 21.79 19.67
C VAL B 131 16.13 22.42 18.58
N GLU B 132 17.15 23.16 18.99
CA GLU B 132 18.10 23.79 18.05
C GLU B 132 18.93 22.77 17.28
N GLY B 133 19.11 23.04 15.99
CA GLY B 133 19.92 22.19 15.12
C GLY B 133 21.33 22.71 14.94
N ASN B 134 21.54 23.99 15.26
CA ASN B 134 22.86 24.61 15.20
C ASN B 134 23.52 24.62 13.83
N MET B 135 22.70 24.51 12.79
CA MET B 135 23.15 24.61 11.42
C MET B 135 24.25 23.60 11.07
N VAL B 136 24.11 22.39 11.59
CA VAL B 136 24.96 21.30 11.16
C VAL B 136 24.08 20.09 10.82
N GLN B 137 24.68 19.09 10.19
CA GLN B 137 23.96 17.85 9.89
C GLN B 137 23.85 16.99 11.14
N PRO B 138 22.64 16.48 11.40
CA PRO B 138 22.37 15.60 12.53
C PRO B 138 22.78 14.15 12.21
N PRO B 139 22.93 13.30 13.25
CA PRO B 139 23.09 11.85 13.10
C PRO B 139 21.88 11.28 12.36
N LYS B 140 21.96 10.05 11.85
CA LYS B 140 20.87 9.50 11.04
C LYS B 140 19.59 9.23 11.84
N ARG B 141 19.71 9.20 13.16
CA ARG B 141 18.55 9.11 14.05
C ARG B 141 18.70 10.00 15.28
N VAL B 142 17.69 10.82 15.54
CA VAL B 142 17.73 11.70 16.71
C VAL B 142 16.53 11.51 17.66
N SER B 143 16.77 11.80 18.94
CA SER B 143 15.76 11.73 20.00
C SER B 143 15.59 13.07 20.70
N HIS B 144 14.36 13.58 20.73
CA HIS B 144 14.06 14.87 21.33
C HIS B 144 13.18 14.72 22.57
N GLU B 145 13.68 15.18 23.72
CA GLU B 145 12.93 15.19 24.97
C GLU B 145 12.01 16.41 25.08
N CYS B 146 10.70 16.16 25.03
CA CYS B 146 9.71 17.22 25.14
C CYS B 146 8.77 17.03 26.32
N ILE B 147 8.01 18.07 26.63
CA ILE B 147 6.96 17.98 27.63
C ILE B 147 5.63 18.22 26.92
N VAL B 148 4.81 17.18 26.87
CA VAL B 148 3.52 17.22 26.19
C VAL B 148 2.46 17.87 27.10
N PRO B 149 1.69 18.81 26.54
CA PRO B 149 0.66 19.53 27.32
C PRO B 149 -0.52 18.63 27.65
N GLU B 150 -1.29 19.03 28.65
CA GLU B 150 -2.44 18.26 29.08
C GLU B 150 -3.55 18.28 28.02
N ARG B 151 -4.04 17.09 27.69
CA ARG B 151 -5.12 16.94 26.73
C ARG B 151 -5.90 15.66 27.00
N GLU B 152 -7.12 15.57 26.49
CA GLU B 152 -7.85 14.31 26.47
C GLU B 152 -8.25 13.92 25.07
N GLY B 153 -8.38 12.62 24.83
CA GLY B 153 -8.87 12.13 23.57
C GLY B 153 -7.91 12.33 22.40
N TYR B 154 -8.48 12.51 21.22
CA TYR B 154 -7.72 12.55 19.97
C TYR B 154 -7.14 13.94 19.75
N GLN B 155 -5.83 14.01 19.50
CA GLN B 155 -5.15 15.27 19.20
C GLN B 155 -4.19 15.01 18.04
N VAL B 156 -3.78 16.09 17.37
CA VAL B 156 -2.75 15.98 16.34
C VAL B 156 -1.49 16.76 16.76
N ILE B 157 -0.33 16.14 16.64
CA ILE B 157 0.92 16.84 16.89
C ILE B 157 1.59 17.07 15.55
N LEU B 158 1.99 18.31 15.27
CA LEU B 158 2.73 18.64 14.04
C LEU B 158 4.21 18.78 14.37
N ALA B 159 5.03 17.89 13.80
CA ALA B 159 6.48 17.98 13.94
C ALA B 159 7.07 18.64 12.70
N VAL B 160 7.80 19.74 12.89
CA VAL B 160 8.44 20.46 11.78
C VAL B 160 9.97 20.42 11.88
N TRP B 161 10.62 19.92 10.84
CA TRP B 161 12.08 19.86 10.76
C TRP B 161 12.51 20.90 9.75
N ASP B 162 13.10 22.00 10.24
CA ASP B 162 13.47 23.12 9.37
C ASP B 162 14.89 23.00 8.86
N VAL B 163 15.04 22.93 7.54
CA VAL B 163 16.35 22.72 6.93
C VAL B 163 17.11 24.02 6.68
N GLY B 164 18.38 24.03 7.08
CA GLY B 164 19.15 25.25 7.15
C GLY B 164 19.55 25.90 5.85
N ASP B 165 19.86 25.11 4.83
CA ASP B 165 20.44 25.69 3.61
C ASP B 165 19.51 25.74 2.42
N THR B 166 18.23 25.44 2.62
CA THR B 166 17.25 25.63 1.54
C THR B 166 16.00 26.27 2.10
N ALA B 167 15.06 26.64 1.23
CA ALA B 167 13.88 27.35 1.68
C ALA B 167 12.74 26.36 2.01
N ALA B 168 13.10 25.27 2.66
CA ALA B 168 12.15 24.18 2.87
C ALA B 168 12.14 23.65 4.30
N SER B 169 11.05 22.94 4.65
CA SER B 169 10.97 22.18 5.89
C SER B 169 10.23 20.87 5.63
N PHE B 170 10.44 19.89 6.50
CA PHE B 170 9.69 18.65 6.47
C PHE B 170 8.61 18.69 7.57
N TYR B 171 7.40 18.24 7.22
CA TYR B 171 6.23 18.34 8.07
C TYR B 171 5.65 16.96 8.30
N ASN B 172 5.64 16.48 9.54
CA ASN B 172 5.02 15.21 9.88
C ASN B 172 3.99 15.39 11.00
N VAL B 173 2.72 15.34 10.63
CA VAL B 173 1.68 15.27 11.65
C VAL B 173 1.65 13.87 12.29
N ILE B 174 1.22 13.83 13.55
CA ILE B 174 1.17 12.61 14.36
C ILE B 174 -0.20 12.51 15.01
N ASP B 175 -0.92 11.41 14.77
CA ASP B 175 -2.22 11.19 15.39
C ASP B 175 -2.07 10.51 16.76
N VAL B 176 -2.50 11.17 17.83
CA VAL B 176 -2.36 10.59 19.18
C VAL B 176 -3.70 10.56 19.93
N LYS B 177 -3.83 9.64 20.86
CA LYS B 177 -5.02 9.55 21.68
C LYS B 177 -4.55 9.45 23.10
N PHE B 178 -4.87 10.46 23.91
CA PHE B 178 -4.42 10.50 25.30
C PHE B 178 -5.18 9.48 26.19
N ASP B 179 -4.44 8.84 27.09
CA ASP B 179 -5.03 7.89 28.02
C ASP B 179 -5.84 8.62 29.08
N PRO B 186 -10.51 -2.00 29.21
CA PRO B 186 -9.79 -2.49 30.40
C PRO B 186 -9.77 -4.02 30.53
N ASP B 187 -10.94 -4.64 30.41
CA ASP B 187 -11.01 -6.08 30.29
C ASP B 187 -11.51 -6.49 28.89
N TRP B 188 -11.28 -5.63 27.91
CA TRP B 188 -11.55 -5.95 26.51
C TRP B 188 -10.24 -6.00 25.74
N ASN B 189 -9.89 -7.19 25.24
CA ASN B 189 -8.59 -7.37 24.58
C ASN B 189 -8.64 -7.13 23.08
N PRO B 190 -7.70 -6.35 22.54
CA PRO B 190 -7.45 -6.23 21.10
C PRO B 190 -7.31 -7.61 20.51
N ALA B 191 -8.02 -7.88 19.43
CA ALA B 191 -8.09 -9.25 18.95
C ALA B 191 -7.97 -9.38 17.44
N GLY B 192 -8.15 -8.27 16.73
CA GLY B 192 -8.09 -8.30 15.28
C GLY B 192 -8.64 -7.03 14.67
N GLN B 193 -8.85 -7.03 13.36
CA GLN B 193 -9.26 -5.81 12.67
C GLN B 193 -10.09 -6.12 11.43
N ILE B 194 -11.14 -5.33 11.21
CA ILE B 194 -11.86 -5.41 9.96
C ILE B 194 -11.30 -4.26 9.12
N ILE B 195 -10.61 -4.58 8.02
CA ILE B 195 -9.97 -3.54 7.22
C ILE B 195 -10.70 -3.47 5.89
N PRO B 196 -11.25 -2.29 5.55
CA PRO B 196 -12.02 -2.18 4.31
C PRO B 196 -11.09 -2.08 3.09
N SER B 197 -10.49 -3.19 2.68
CA SER B 197 -9.50 -3.17 1.61
C SER B 197 -10.05 -3.50 0.22
N MET B 198 -11.27 -4.04 0.17
CA MET B 198 -11.82 -4.43 -1.13
C MET B 198 -13.33 -4.38 -1.18
N ASP B 199 -13.88 -3.89 -2.29
CA ASP B 199 -15.31 -3.90 -2.50
C ASP B 199 -15.78 -5.34 -2.72
N LEU B 200 -17.06 -5.60 -2.48
CA LEU B 200 -17.65 -6.93 -2.64
C LEU B 200 -18.80 -6.88 -3.64
N SER B 201 -19.42 -8.04 -3.88
CA SER B 201 -20.55 -8.12 -4.80
C SER B 201 -21.80 -8.58 -4.11
N ILE B 202 -22.94 -8.10 -4.60
CA ILE B 202 -24.23 -8.62 -4.16
C ILE B 202 -24.21 -10.13 -4.34
N GLY B 203 -24.59 -10.85 -3.29
CA GLY B 203 -24.52 -12.30 -3.31
C GLY B 203 -23.37 -12.85 -2.48
N ASP B 204 -22.33 -12.05 -2.29
CA ASP B 204 -21.18 -12.44 -1.48
C ASP B 204 -21.51 -12.43 0.01
N THR B 205 -20.61 -12.96 0.82
CA THR B 205 -20.70 -12.82 2.28
C THR B 205 -19.33 -12.51 2.87
N VAL B 206 -19.31 -11.69 3.92
CA VAL B 206 -18.09 -11.44 4.67
C VAL B 206 -18.37 -11.89 6.09
N TYR B 207 -17.38 -12.44 6.77
CA TYR B 207 -17.65 -13.02 8.08
C TYR B 207 -16.43 -13.09 8.96
N THR B 208 -16.66 -13.30 10.25
CA THR B 208 -15.58 -13.46 11.22
C THR B 208 -15.22 -14.92 11.38
N ARG B 209 -13.97 -15.16 11.75
CA ARG B 209 -13.53 -16.49 12.12
C ARG B 209 -12.93 -16.30 13.50
N VAL B 210 -13.63 -16.80 14.53
CA VAL B 210 -13.24 -16.56 15.90
C VAL B 210 -12.46 -17.77 16.45
N PHE B 211 -11.35 -17.51 17.12
CA PHE B 211 -10.48 -18.58 17.62
C PHE B 211 -10.45 -18.64 19.15
N ASP B 212 -10.61 -19.85 19.69
CA ASP B 212 -10.40 -20.08 21.12
C ASP B 212 -9.26 -21.09 21.27
N ASN B 213 -9.06 -21.61 22.49
CA ASN B 213 -7.89 -22.46 22.73
C ASN B 213 -7.89 -23.74 21.92
N ASP B 214 -9.05 -24.10 21.36
CA ASP B 214 -9.17 -25.30 20.54
C ASP B 214 -9.08 -25.00 19.04
N GLY B 215 -8.94 -23.72 18.70
CA GLY B 215 -8.83 -23.30 17.31
C GLY B 215 -10.06 -22.54 16.86
N GLU B 216 -10.33 -22.54 15.55
CA GLU B 216 -11.53 -21.87 15.05
C GLU B 216 -12.81 -22.46 15.66
N ASN B 217 -13.66 -21.61 16.24
CA ASN B 217 -14.92 -22.07 16.85
C ASN B 217 -16.13 -21.53 16.11
N PRO B 218 -16.77 -22.38 15.29
CA PRO B 218 -17.84 -21.93 14.38
C PRO B 218 -19.00 -21.28 15.12
N ALA B 219 -19.17 -21.57 16.40
CA ALA B 219 -20.34 -21.07 17.14
C ALA B 219 -20.31 -19.57 17.38
N TYR B 220 -19.13 -18.97 17.24
CA TYR B 220 -18.92 -17.56 17.59
C TYR B 220 -18.86 -16.65 16.37
N ARG B 221 -19.08 -17.25 15.21
CA ARG B 221 -19.04 -16.60 13.92
C ARG B 221 -20.13 -15.53 13.79
N THR B 222 -19.80 -14.43 13.12
CA THR B 222 -20.80 -13.45 12.71
C THR B 222 -20.64 -13.30 11.22
N GLU B 223 -21.73 -13.44 10.47
CA GLU B 223 -21.64 -13.29 9.03
C GLU B 223 -22.58 -12.21 8.52
N LEU B 224 -22.17 -11.56 7.44
CA LEU B 224 -22.94 -10.47 6.84
C LEU B 224 -23.10 -10.70 5.33
N LYS B 225 -24.34 -10.88 4.91
CA LYS B 225 -24.66 -11.03 3.50
C LYS B 225 -24.64 -9.70 2.78
N ILE B 226 -23.90 -9.63 1.68
CA ILE B 226 -23.91 -8.44 0.85
C ILE B 226 -25.15 -8.55 -0.02
N ASP B 227 -26.24 -7.92 0.40
CA ASP B 227 -27.49 -8.02 -0.33
C ASP B 227 -28.03 -6.66 -0.76
N SER B 228 -27.15 -5.68 -0.92
CA SER B 228 -27.54 -4.37 -1.43
C SER B 228 -26.38 -3.66 -2.09
N GLU B 229 -26.71 -2.80 -3.05
CA GLU B 229 -25.72 -1.96 -3.70
C GLU B 229 -24.85 -1.30 -2.64
N THR B 230 -25.51 -0.80 -1.59
CA THR B 230 -24.82 -0.09 -0.52
C THR B 230 -23.74 -0.92 0.17
N LEU B 231 -24.03 -2.18 0.46
CA LEU B 231 -23.09 -3.05 1.17
C LEU B 231 -21.86 -3.47 0.36
N THR B 232 -21.88 -3.23 -0.95
CA THR B 232 -20.75 -3.59 -1.80
C THR B 232 -19.49 -2.76 -1.50
N LYS B 233 -19.69 -1.53 -1.05
CA LYS B 233 -18.58 -0.62 -0.77
C LYS B 233 -17.82 -1.04 0.48
N ALA B 234 -16.50 -1.10 0.41
CA ALA B 234 -15.70 -1.59 1.53
C ALA B 234 -15.99 -0.92 2.87
N ASN B 235 -16.00 0.41 2.91
CA ASN B 235 -16.28 1.09 4.16
C ASN B 235 -17.68 0.76 4.66
N GLN B 236 -18.59 0.50 3.72
CA GLN B 236 -19.96 0.16 4.11
C GLN B 236 -20.10 -1.23 4.74
N TRP B 237 -19.50 -2.25 4.13
CA TRP B 237 -19.64 -3.58 4.74
C TRP B 237 -18.82 -3.68 6.02
N SER B 238 -17.76 -2.89 6.13
CA SER B 238 -16.94 -2.89 7.35
C SER B 238 -17.79 -2.36 8.51
N TYR B 239 -18.37 -1.18 8.33
CA TYR B 239 -19.32 -0.67 9.32
C TYR B 239 -20.40 -1.69 9.65
N ALA B 240 -20.98 -2.30 8.63
CA ALA B 240 -22.12 -3.17 8.86
C ALA B 240 -21.74 -4.43 9.64
N LEU B 241 -20.58 -4.98 9.35
CA LEU B 241 -20.13 -6.20 10.03
C LEU B 241 -19.80 -5.93 11.49
N ALA B 242 -19.11 -4.82 11.73
CA ALA B 242 -18.81 -4.42 13.11
C ALA B 242 -20.10 -4.19 13.89
N THR B 243 -21.10 -3.58 13.25
CA THR B 243 -22.38 -3.30 13.87
C THR B 243 -23.13 -4.59 14.20
N LYS B 244 -23.07 -5.55 13.29
CA LYS B 244 -23.71 -6.84 13.51
C LYS B 244 -23.02 -7.67 14.62
N ILE B 245 -21.71 -7.55 14.73
CA ILE B 245 -21.00 -8.19 15.84
C ILE B 245 -21.55 -7.69 17.18
N ASN B 246 -21.59 -6.37 17.36
CA ASN B 246 -22.10 -5.76 18.59
C ASN B 246 -23.56 -6.14 18.85
N GLN B 247 -24.29 -6.36 17.77
CA GLN B 247 -25.73 -6.59 17.84
C GLN B 247 -26.07 -8.03 18.24
N THR B 248 -25.13 -8.95 18.02
CA THR B 248 -25.40 -10.37 18.20
C THR B 248 -24.42 -11.12 19.12
N GLN B 249 -23.38 -10.44 19.61
CA GLN B 249 -22.40 -11.15 20.43
C GLN B 249 -22.24 -10.54 21.81
N LYS B 250 -22.07 -11.40 22.80
CA LYS B 250 -21.92 -10.94 24.19
C LYS B 250 -20.44 -10.81 24.55
N GLN B 251 -19.61 -11.67 23.94
CA GLN B 251 -18.18 -11.78 24.27
C GLN B 251 -17.23 -11.05 23.28
N GLN B 252 -17.80 -10.27 22.37
CA GLN B 252 -17.02 -9.64 21.31
C GLN B 252 -17.55 -8.22 21.11
N ARG B 253 -16.65 -7.29 20.75
CA ARG B 253 -17.02 -5.91 20.39
C ARG B 253 -16.24 -5.46 19.16
N ALA B 254 -16.80 -4.52 18.39
CA ALA B 254 -16.08 -4.03 17.23
C ALA B 254 -16.33 -2.53 17.08
N GLY B 255 -15.29 -1.81 16.66
CA GLY B 255 -15.38 -0.37 16.48
C GLY B 255 -14.19 0.36 17.05
N GLN B 256 -14.11 1.67 16.81
CA GLN B 256 -13.04 2.44 17.41
C GLN B 256 -13.48 2.84 18.82
N LEU B 257 -12.54 2.81 19.75
CA LEU B 257 -12.79 3.20 21.13
C LEU B 257 -13.07 4.69 21.19
N ASN B 258 -14.28 5.06 21.60
CA ASN B 258 -14.67 6.45 21.77
C ASN B 258 -15.22 6.62 23.18
N GLY B 259 -14.33 7.00 24.09
CA GLY B 259 -14.68 7.07 25.51
C GLY B 259 -14.59 5.66 26.07
N ASP B 260 -15.71 5.14 26.54
CA ASP B 260 -15.78 3.76 27.02
C ASP B 260 -16.52 2.86 26.04
N GLN B 261 -17.06 3.45 24.97
CA GLN B 261 -17.85 2.69 24.00
C GLN B 261 -17.08 2.28 22.75
N PHE B 262 -17.46 1.14 22.19
CA PHE B 262 -16.93 0.70 20.91
C PHE B 262 -17.89 1.14 19.83
N VAL B 263 -17.43 2.03 18.96
CA VAL B 263 -18.28 2.66 17.96
C VAL B 263 -17.85 2.25 16.55
N PRO B 264 -18.65 1.42 15.86
CA PRO B 264 -18.37 1.09 14.47
C PRO B 264 -18.29 2.35 13.57
N VAL B 265 -17.33 2.36 12.66
CA VAL B 265 -17.14 3.49 11.74
C VAL B 265 -17.08 3.02 10.30
N TYR B 266 -17.22 3.95 9.36
CA TYR B 266 -17.11 3.63 7.96
C TYR B 266 -15.63 3.68 7.58
N GLY B 267 -14.91 2.61 7.92
CA GLY B 267 -13.47 2.59 7.78
C GLY B 267 -12.99 1.35 8.49
N THR B 268 -11.79 1.44 9.06
CA THR B 268 -11.19 0.32 9.82
C THR B 268 -11.88 0.18 11.18
N ASN B 269 -12.32 -1.05 11.51
CA ASN B 269 -12.97 -1.32 12.78
C ASN B 269 -12.18 -2.38 13.57
N PRO B 270 -11.50 -1.95 14.62
CA PRO B 270 -10.81 -2.92 15.47
C PRO B 270 -11.80 -3.90 16.11
N ILE B 271 -11.33 -5.09 16.46
CA ILE B 271 -12.20 -6.07 17.10
C ILE B 271 -11.59 -6.42 18.45
N TYR B 272 -12.46 -6.59 19.45
CA TYR B 272 -12.04 -6.84 20.83
C TYR B 272 -12.71 -8.09 21.39
N LEU B 273 -12.04 -8.78 22.32
CA LEU B 273 -12.62 -9.95 22.95
C LEU B 273 -12.70 -9.82 24.48
N LYS B 274 -13.77 -10.31 25.08
CA LYS B 274 -13.95 -10.18 26.52
C LYS B 274 -12.96 -11.07 27.30
N GLU B 275 -12.11 -10.41 28.08
CA GLU B 275 -11.18 -11.10 28.95
C GLU B 275 -11.89 -12.17 29.79
N GLY B 276 -11.42 -13.43 29.69
CA GLY B 276 -11.99 -14.53 30.45
C GLY B 276 -13.09 -15.27 29.71
N SER B 277 -13.27 -14.93 28.44
CA SER B 277 -14.30 -15.57 27.63
C SER B 277 -13.77 -16.85 27.00
N GLY B 278 -12.45 -17.02 27.04
CA GLY B 278 -11.81 -18.12 26.34
C GLY B 278 -11.42 -17.79 24.90
N LEU B 279 -11.93 -16.67 24.38
CA LEU B 279 -11.63 -16.27 23.01
C LEU B 279 -10.26 -15.60 22.87
N LYS B 280 -9.49 -15.99 21.86
CA LYS B 280 -8.12 -15.53 21.67
C LYS B 280 -7.95 -14.49 20.55
N SER B 281 -8.49 -14.78 19.37
CA SER B 281 -8.36 -13.82 18.27
C SER B 281 -9.45 -13.97 17.21
N VAL B 282 -9.47 -13.03 16.26
CA VAL B 282 -10.48 -12.99 15.20
C VAL B 282 -9.81 -12.64 13.87
N GLU B 283 -10.08 -13.43 12.83
CA GLU B 283 -9.67 -13.08 11.47
C GLU B 283 -10.93 -12.87 10.62
N ILE B 284 -10.76 -12.37 9.40
CA ILE B 284 -11.89 -12.13 8.52
C ILE B 284 -11.83 -13.07 7.32
N GLY B 285 -12.97 -13.63 6.96
CA GLY B 285 -13.09 -14.48 5.78
C GLY B 285 -14.12 -13.94 4.80
N TYR B 286 -14.00 -14.35 3.53
CA TYR B 286 -14.85 -13.84 2.47
C TYR B 286 -15.37 -15.02 1.63
N GLN B 287 -16.68 -15.08 1.43
CA GLN B 287 -17.27 -16.06 0.52
C GLN B 287 -17.86 -15.37 -0.71
N ILE B 288 -17.23 -15.61 -1.86
CA ILE B 288 -17.60 -14.90 -3.07
C ILE B 288 -18.33 -15.78 -4.09
N GLU B 289 -19.54 -15.36 -4.48
CA GLU B 289 -20.45 -16.22 -5.25
C GLU B 289 -20.37 -16.15 -6.77
N ALA B 290 -20.31 -14.94 -7.33
CA ALA B 290 -20.21 -14.80 -8.78
C ALA B 290 -18.83 -15.27 -9.25
N PRO B 291 -18.80 -16.14 -10.28
CA PRO B 291 -17.57 -16.78 -10.77
C PRO B 291 -16.79 -15.86 -11.70
N GLN B 292 -17.54 -15.06 -12.43
CA GLN B 292 -17.02 -14.22 -13.50
C GLN B 292 -16.00 -13.21 -12.99
N PRO B 293 -15.50 -12.34 -13.87
CA PRO B 293 -15.66 -12.48 -15.33
C PRO B 293 -14.42 -13.15 -15.90
N GLU B 294 -14.42 -13.43 -17.20
CA GLU B 294 -13.17 -13.77 -17.86
C GLU B 294 -12.75 -12.61 -18.74
N TYR B 295 -11.49 -12.24 -18.59
CA TYR B 295 -10.89 -11.23 -19.42
C TYR B 295 -9.92 -11.94 -20.35
N SER B 296 -9.74 -11.39 -21.54
CA SER B 296 -8.75 -11.93 -22.47
C SER B 296 -8.23 -10.84 -23.36
N LEU B 297 -6.94 -10.92 -23.68
CA LEU B 297 -6.35 -10.05 -24.67
C LEU B 297 -5.70 -10.94 -25.70
N THR B 298 -6.31 -11.04 -26.88
CA THR B 298 -5.71 -11.85 -27.93
C THR B 298 -4.74 -11.02 -28.73
N VAL B 299 -3.53 -11.54 -28.91
CA VAL B 299 -2.47 -10.82 -29.61
C VAL B 299 -2.17 -11.49 -30.94
N SER B 300 -2.34 -10.73 -32.02
CA SER B 300 -2.15 -11.28 -33.35
C SER B 300 -1.00 -10.62 -34.09
N GLY B 301 -0.27 -11.41 -34.88
CA GLY B 301 0.77 -10.88 -35.73
C GLY B 301 2.19 -11.12 -35.22
N LEU B 302 2.32 -11.77 -34.07
CA LEU B 302 3.62 -12.15 -33.56
C LEU B 302 4.15 -13.28 -34.44
N ALA B 303 5.21 -13.04 -35.18
CA ALA B 303 5.89 -14.07 -35.95
C ALA B 303 6.79 -14.99 -35.16
N LYS B 304 7.09 -16.15 -35.71
CA LYS B 304 7.98 -17.07 -35.06
C LYS B 304 9.39 -16.52 -34.97
N GLU B 305 9.81 -15.83 -36.03
CA GLU B 305 11.18 -15.38 -36.24
C GLU B 305 11.20 -14.00 -36.80
N TYR B 306 12.25 -13.26 -36.51
CA TYR B 306 12.53 -11.95 -37.09
C TYR B 306 14.02 -11.86 -37.45
N GLU B 307 14.29 -11.48 -38.69
CA GLU B 307 15.64 -11.29 -39.18
C GLU B 307 16.18 -9.90 -38.87
N ILE B 308 17.41 -9.84 -38.36
CA ILE B 308 18.15 -8.59 -38.24
C ILE B 308 18.90 -8.38 -39.57
N GLY B 309 18.83 -7.18 -40.15
CA GLY B 309 18.17 -6.02 -39.60
C GLY B 309 19.01 -4.76 -39.82
N GLU B 310 18.66 -3.96 -40.83
CA GLU B 310 19.32 -2.67 -41.01
C GLU B 310 18.64 -1.62 -40.15
N GLN B 311 17.31 -1.74 -40.07
CA GLN B 311 16.50 -0.87 -39.22
C GLN B 311 16.18 -1.58 -37.90
N PRO B 312 15.75 -0.82 -36.88
CA PRO B 312 15.32 -1.42 -35.62
C PRO B 312 14.20 -2.43 -35.87
N ILE B 313 14.16 -3.51 -35.10
CA ILE B 313 13.16 -4.54 -35.34
C ILE B 313 11.82 -4.16 -34.71
N GLN B 314 10.76 -4.35 -35.49
CA GLN B 314 9.44 -3.87 -35.13
C GLN B 314 8.35 -4.96 -35.09
N LEU B 315 7.60 -4.96 -33.99
CA LEU B 315 6.51 -5.91 -33.76
C LEU B 315 5.19 -5.31 -34.22
N ASP B 316 4.63 -5.86 -35.28
CA ASP B 316 3.33 -5.41 -35.79
C ASP B 316 2.22 -6.26 -35.20
N LEU B 317 1.61 -5.76 -34.13
CA LEU B 317 0.62 -6.54 -33.38
C LEU B 317 -0.82 -6.02 -33.48
N THR B 318 -1.75 -6.96 -33.49
CA THR B 318 -3.17 -6.61 -33.32
C THR B 318 -3.65 -7.19 -32.00
N LEU B 319 -4.25 -6.35 -31.17
CA LEU B 319 -4.70 -6.75 -29.84
C LEU B 319 -6.23 -6.72 -29.75
N GLU B 320 -6.81 -7.77 -29.19
CA GLU B 320 -8.27 -7.80 -29.01
C GLU B 320 -8.69 -8.00 -27.55
N ALA B 321 -9.45 -7.04 -27.03
CA ALA B 321 -9.84 -7.01 -25.63
C ALA B 321 -11.18 -7.66 -25.33
N GLN B 322 -11.19 -8.58 -24.37
CA GLN B 322 -12.43 -9.06 -23.79
C GLN B 322 -12.53 -8.55 -22.37
N GLY B 323 -13.53 -7.70 -22.13
CA GLY B 323 -13.72 -7.04 -20.86
C GLY B 323 -13.03 -5.69 -20.81
N GLU B 324 -13.57 -4.77 -20.03
CA GLU B 324 -12.92 -3.48 -19.82
C GLU B 324 -11.65 -3.69 -19.00
N MET B 325 -10.53 -3.19 -19.50
CA MET B 325 -9.23 -3.52 -18.92
C MET B 325 -8.18 -2.46 -19.20
N SER B 326 -7.07 -2.52 -18.49
CA SER B 326 -5.87 -1.85 -18.93
C SER B 326 -4.83 -2.92 -19.25
N ALA B 327 -4.17 -2.75 -20.40
CA ALA B 327 -3.26 -3.76 -20.90
C ALA B 327 -1.82 -3.30 -20.74
N GLU B 328 -0.92 -4.24 -20.47
CA GLU B 328 0.50 -3.95 -20.41
C GLU B 328 1.26 -5.05 -21.15
N LEU B 329 2.14 -4.62 -22.05
CA LEU B 329 2.98 -5.52 -22.81
C LEU B 329 4.44 -5.20 -22.53
N THR B 330 5.27 -6.22 -22.50
CA THR B 330 6.70 -6.02 -22.28
C THR B 330 7.46 -7.04 -23.10
N VAL B 331 8.54 -6.62 -23.75
CA VAL B 331 9.40 -7.54 -24.49
C VAL B 331 10.66 -7.74 -23.66
N TYR B 332 11.03 -9.00 -23.42
CA TYR B 332 12.26 -9.37 -22.70
C TYR B 332 13.18 -10.19 -23.62
N ASN B 333 14.47 -9.88 -23.61
CA ASN B 333 15.40 -10.76 -24.29
C ASN B 333 15.71 -11.95 -23.37
N HIS B 334 16.55 -12.85 -23.83
CA HIS B 334 16.86 -14.06 -23.08
C HIS B 334 17.55 -13.74 -21.74
N HIS B 335 18.20 -12.58 -21.67
CA HIS B 335 18.95 -12.18 -20.47
C HIS B 335 18.05 -11.33 -19.56
N GLN B 336 16.79 -11.27 -19.94
CA GLN B 336 15.75 -10.55 -19.21
C GLN B 336 15.96 -9.03 -19.11
N LYS B 337 16.62 -8.47 -20.10
CA LYS B 337 16.63 -7.03 -20.27
C LYS B 337 15.34 -6.68 -21.01
N PRO B 338 14.58 -5.70 -20.48
CA PRO B 338 13.35 -5.27 -21.16
C PRO B 338 13.72 -4.41 -22.36
N LEU B 339 13.14 -4.70 -23.52
CA LEU B 339 13.51 -4.00 -24.76
C LEU B 339 12.40 -3.09 -25.25
N ALA B 340 11.21 -3.24 -24.68
CA ALA B 340 10.09 -2.43 -25.11
C ALA B 340 8.95 -2.54 -24.11
N SER B 341 8.22 -1.45 -23.95
CA SER B 341 7.08 -1.42 -23.03
C SER B 341 5.90 -0.59 -23.55
N TRP B 342 4.69 -1.10 -23.32
CA TRP B 342 3.46 -0.45 -23.78
C TRP B 342 2.34 -0.72 -22.78
N SER B 343 1.46 0.25 -22.60
CA SER B 343 0.29 0.07 -21.75
C SER B 343 -0.79 1.08 -22.07
N GLN B 344 -2.03 0.61 -22.16
CA GLN B 344 -3.15 1.52 -22.30
C GLN B 344 -4.46 0.83 -21.99
N ALA B 345 -5.49 1.63 -21.77
CA ALA B 345 -6.80 1.10 -21.46
C ALA B 345 -7.51 0.63 -22.74
N MET B 346 -8.29 -0.44 -22.61
CA MET B 346 -9.07 -0.93 -23.73
C MET B 346 -10.51 -1.22 -23.28
N THR B 347 -11.47 -0.91 -24.13
CA THR B 347 -12.87 -1.20 -23.79
C THR B 347 -13.25 -2.62 -24.24
N ASP B 348 -14.29 -3.14 -23.62
CA ASP B 348 -14.75 -4.50 -23.91
C ASP B 348 -14.98 -4.70 -25.41
N GLY B 349 -14.18 -5.58 -26.02
CA GLY B 349 -14.35 -5.93 -27.42
C GLY B 349 -13.56 -5.08 -28.40
N GLU B 350 -12.72 -4.20 -27.88
CA GLU B 350 -11.96 -3.29 -28.73
C GLU B 350 -10.86 -4.02 -29.49
N LEU B 351 -10.63 -3.58 -30.73
CA LEU B 351 -9.48 -4.03 -31.53
C LEU B 351 -8.45 -2.90 -31.62
N LYS B 352 -7.19 -3.21 -31.34
CA LYS B 352 -6.12 -2.22 -31.43
C LYS B 352 -4.93 -2.82 -32.16
N SER B 353 -4.44 -2.13 -33.17
CA SER B 353 -3.20 -2.54 -33.83
C SER B 353 -2.10 -1.59 -33.43
N ILE B 354 -0.95 -2.14 -33.02
CA ILE B 354 0.15 -1.28 -32.61
C ILE B 354 1.48 -1.78 -33.14
N THR B 355 2.52 -1.00 -32.91
CA THR B 355 3.87 -1.40 -33.30
C THR B 355 4.83 -1.13 -32.14
N LEU B 356 5.53 -2.19 -31.73
CA LEU B 356 6.52 -2.09 -30.66
C LEU B 356 7.92 -2.16 -31.24
N GLU B 357 8.74 -1.17 -30.93
CA GLU B 357 10.12 -1.16 -31.43
C GLU B 357 11.10 -1.60 -30.35
N LEU B 358 11.89 -2.64 -30.66
CA LEU B 358 12.87 -3.15 -29.71
C LEU B 358 14.08 -2.22 -29.64
N SER B 359 14.50 -1.91 -28.42
CA SER B 359 15.62 -0.97 -28.24
C SER B 359 16.95 -1.55 -28.69
N GLU B 360 16.99 -2.86 -28.91
CA GLU B 360 18.17 -3.47 -29.52
C GLU B 360 17.80 -4.78 -30.20
N ALA B 361 18.62 -5.18 -31.16
CA ALA B 361 18.34 -6.33 -32.00
C ALA B 361 19.53 -7.27 -32.01
N LYS B 362 19.48 -8.30 -31.17
CA LYS B 362 20.51 -9.32 -31.14
C LYS B 362 19.88 -10.70 -31.25
N ALA B 363 20.54 -11.57 -32.02
CA ALA B 363 20.01 -12.90 -32.26
C ALA B 363 19.68 -13.63 -30.96
N GLY B 364 18.54 -14.28 -30.92
CA GLY B 364 18.21 -15.11 -29.79
C GLY B 364 16.73 -15.15 -29.41
N HIS B 365 16.44 -15.90 -28.35
CA HIS B 365 15.08 -16.16 -27.86
C HIS B 365 14.51 -14.93 -27.15
N HIS B 366 13.32 -14.48 -27.55
CA HIS B 366 12.67 -13.35 -26.90
C HIS B 366 11.30 -13.75 -26.34
N MET B 367 10.74 -12.91 -25.48
CA MET B 367 9.36 -13.12 -25.03
C MET B 367 8.54 -11.83 -25.04
N LEU B 368 7.29 -11.94 -25.47
CA LEU B 368 6.31 -10.89 -25.30
C LEU B 368 5.36 -11.28 -24.18
N VAL B 369 5.36 -10.49 -23.10
CA VAL B 369 4.52 -10.73 -21.93
C VAL B 369 3.36 -9.74 -21.88
N SER B 370 2.12 -10.23 -21.83
CA SER B 370 0.98 -9.35 -21.61
C SER B 370 0.32 -9.56 -20.26
N ARG B 371 -0.03 -8.47 -19.59
CA ARG B 371 -0.75 -8.51 -18.33
C ARG B 371 -2.03 -7.70 -18.41
N ILE B 372 -3.16 -8.34 -18.10
CA ILE B 372 -4.46 -7.68 -18.09
C ILE B 372 -4.86 -7.26 -16.68
N LYS B 373 -5.17 -5.98 -16.50
CA LYS B 373 -5.79 -5.53 -15.26
C LYS B 373 -7.22 -5.11 -15.49
N ASP B 374 -8.10 -5.46 -14.56
CA ASP B 374 -9.51 -5.08 -14.67
C ASP B 374 -9.71 -3.64 -14.26
N ARG B 375 -10.93 -3.16 -14.48
CA ARG B 375 -11.31 -1.80 -14.16
C ARG B 375 -10.82 -1.35 -12.78
N ASP B 376 -10.82 -2.27 -11.83
CA ASP B 376 -10.48 -1.95 -10.43
C ASP B 376 -8.96 -1.98 -10.20
N GLY B 377 -8.22 -2.47 -11.19
CA GLY B 377 -6.77 -2.58 -11.08
C GLY B 377 -6.34 -3.98 -10.67
N ASN B 378 -7.30 -4.90 -10.60
CA ASN B 378 -6.99 -6.28 -10.23
C ASN B 378 -6.53 -7.12 -11.41
N LEU B 379 -5.33 -7.68 -11.31
CA LEU B 379 -4.80 -8.57 -12.34
C LEU B 379 -5.80 -9.67 -12.64
N GLN B 380 -6.06 -9.90 -13.92
CA GLN B 380 -7.04 -10.90 -14.31
C GLN B 380 -6.41 -12.01 -15.16
N ASP B 381 -5.30 -11.69 -15.83
CA ASP B 381 -4.64 -12.71 -16.66
C ASP B 381 -3.22 -12.31 -17.05
N GLN B 382 -2.40 -13.31 -17.33
CA GLN B 382 -1.08 -13.08 -17.89
C GLN B 382 -0.79 -14.17 -18.90
N GLN B 383 -0.27 -13.77 -20.06
CA GLN B 383 0.08 -14.70 -21.11
C GLN B 383 1.41 -14.29 -21.72
N THR B 384 2.21 -15.28 -22.10
CA THR B 384 3.52 -15.00 -22.69
C THR B 384 3.80 -15.82 -23.94
N LEU B 385 4.28 -15.14 -24.98
CA LEU B 385 4.56 -15.77 -26.26
C LEU B 385 6.06 -15.73 -26.55
N ASP B 386 6.60 -16.84 -27.03
CA ASP B 386 8.01 -16.93 -27.40
C ASP B 386 8.22 -16.52 -28.85
N PHE B 387 9.31 -15.80 -29.14
CA PHE B 387 9.69 -15.50 -30.51
C PHE B 387 11.21 -15.37 -30.61
N MET B 388 11.74 -15.47 -31.83
CA MET B 388 13.18 -15.61 -32.02
C MET B 388 13.70 -14.55 -33.00
N LEU B 389 14.85 -13.97 -32.70
CA LEU B 389 15.53 -13.05 -33.64
C LEU B 389 16.69 -13.78 -34.28
N VAL B 390 16.87 -13.61 -35.58
CA VAL B 390 17.94 -14.29 -36.30
C VAL B 390 18.69 -13.35 -37.24
N GLU B 391 19.98 -13.64 -37.47
CA GLU B 391 20.78 -12.82 -38.39
C GLU B 391 20.53 -13.24 -39.82
#